data_5HKE
#
_entry.id   5HKE
#
_cell.length_a   90.790
_cell.length_b   87.356
_cell.length_c   86.766
_cell.angle_alpha   90.00
_cell.angle_beta   90.00
_cell.angle_gamma   90.00
#
_symmetry.space_group_name_H-M   'P 21 21 2'
#
loop_
_entity.id
_entity.type
_entity.pdbx_description
1 polymer 'Bile salt hydrolase'
2 non-polymer 'PHOSPHATE ION'
3 water water
#
_entity_poly.entity_id   1
_entity_poly.type   'polypeptide(L)'
_entity_poly.pdbx_seq_one_letter_code
;M(OCS)TAITLNGNSNYFGRNLDLDFSYGEEVIITPAEYEFKFRKEKAIKNHKSLIGVGIVANDYPLYFDAINEDGLGMA
GLNFPGNAYYSDALENDKDNITPFEFIPWILGQCSDVNEARNLVEKINLINLSFSEQLPLAGLHWLIADREKSIVVEVTK
SGVHIYDNPIGILTNNPEFNYQMYNLNKYRNLSISTPQNTFSDSVDLKVDGTGFGGIGLPGDVSPESRFVRATFSKLNSS
KGMTVEEDITQFFHILGTVEQIKGVNKTESGKEEYTVYSNCYDLDNKTLYYTTYENRQIVAVTLNKDKDGNRLVTYPFER
KQIINKLNLERHHHHHH
;
_entity_poly.pdbx_strand_id   A,B
#
loop_
_chem_comp.id
_chem_comp.type
_chem_comp.name
_chem_comp.formula
PO4 non-polymer 'PHOSPHATE ION' 'O4 P -3'
#
# COMPACT_ATOMS: atom_id res chain seq x y z
N OCS A 2 8.22 10.29 6.26
CA OCS A 2 7.14 11.12 5.75
CB OCS A 2 7.30 12.53 6.30
SG OCS A 2 7.15 12.57 8.04
C OCS A 2 7.26 11.15 4.23
O OCS A 2 8.42 11.24 3.70
OD1 OCS A 2 8.09 11.35 8.63
OD2 OCS A 2 7.50 13.90 8.57
OD3 OCS A 2 5.79 12.22 8.37
N THR A 3 6.13 11.21 3.56
CA THR A 3 6.12 11.45 2.11
C THR A 3 5.02 12.44 1.79
N ALA A 4 5.32 13.55 1.16
CA ALA A 4 4.29 14.47 0.70
C ALA A 4 4.29 14.52 -0.85
N ILE A 5 3.12 14.55 -1.44
CA ILE A 5 3.00 14.68 -2.86
C ILE A 5 1.91 15.62 -3.27
N THR A 6 1.98 16.08 -4.53
CA THR A 6 0.88 16.73 -5.17
C THR A 6 0.41 15.88 -6.34
N LEU A 7 -0.79 16.16 -6.85
CA LEU A 7 -1.30 15.45 -8.04
C LEU A 7 -2.23 16.42 -8.76
N ASN A 8 -2.11 16.50 -10.10
CA ASN A 8 -3.00 17.29 -10.88
C ASN A 8 -3.84 16.35 -11.73
N GLY A 9 -5.15 16.43 -11.61
CA GLY A 9 -6.05 15.62 -12.42
C GLY A 9 -7.34 16.39 -12.70
N ASN A 10 -8.48 15.84 -12.29
CA ASN A 10 -9.76 16.56 -12.48
C ASN A 10 -9.93 17.71 -11.48
N SER A 11 -9.30 17.58 -10.33
CA SER A 11 -9.04 18.71 -9.43
C SER A 11 -7.51 18.69 -9.19
N ASN A 12 -7.06 19.44 -8.19
CA ASN A 12 -5.68 19.54 -7.84
C ASN A 12 -5.56 19.17 -6.35
N TYR A 13 -4.55 18.34 -6.05
CA TYR A 13 -4.43 17.67 -4.75
C TYR A 13 -3.06 17.79 -4.16
N PHE A 14 -3.03 17.62 -2.87
CA PHE A 14 -1.82 17.80 -2.02
C PHE A 14 -2.06 16.97 -0.78
N GLY A 15 -1.06 16.23 -0.31
CA GLY A 15 -1.30 15.33 0.85
C GLY A 15 -0.05 14.59 1.24
N ARG A 16 -0.13 13.84 2.28
CA ARG A 16 1.06 13.25 2.83
C ARG A 16 0.75 12.01 3.66
N ASN A 17 1.80 11.20 3.81
CA ASN A 17 1.89 10.18 4.82
C ASN A 17 2.64 10.80 5.99
N LEU A 18 2.14 10.61 7.20
CA LEU A 18 2.89 10.96 8.41
C LEU A 18 3.47 9.72 9.00
N ASP A 19 4.80 9.61 8.96
CA ASP A 19 5.47 8.39 9.40
C ASP A 19 6.19 8.70 10.70
N LEU A 20 5.84 8.01 11.78
CA LEU A 20 6.46 8.24 13.07
C LEU A 20 6.53 6.92 13.81
N ASP A 21 7.28 6.88 14.91
CA ASP A 21 7.28 5.68 15.77
C ASP A 21 6.36 5.80 16.98
N PHE A 22 5.50 6.82 16.98
CA PHE A 22 4.35 6.93 17.93
C PHE A 22 3.24 7.81 17.33
N SER A 23 2.07 7.86 17.94
CA SER A 23 1.04 8.76 17.48
C SER A 23 0.77 9.82 18.57
N TYR A 24 0.55 11.07 18.19
CA TYR A 24 0.22 12.14 19.15
C TYR A 24 -1.26 12.27 19.43
N GLY A 25 -2.09 11.38 18.93
CA GLY A 25 -3.55 11.55 19.01
C GLY A 25 -4.04 12.63 18.03
N GLU A 26 -3.64 12.47 16.78
CA GLU A 26 -3.90 13.41 15.71
C GLU A 26 -5.42 13.69 15.52
N GLU A 27 -5.78 14.87 15.03
CA GLU A 27 -7.17 15.21 14.80
C GLU A 27 -7.27 16.22 13.70
N VAL A 28 -8.43 16.31 13.12
CA VAL A 28 -8.73 17.41 12.22
C VAL A 28 -8.85 18.68 13.04
N ILE A 29 -8.31 19.78 12.57
CA ILE A 29 -8.42 21.06 13.23
C ILE A 29 -8.78 22.10 12.17
N ILE A 30 -9.91 22.76 12.35
CA ILE A 30 -10.32 23.90 11.56
C ILE A 30 -9.99 25.12 12.38
N THR A 31 -9.21 26.01 11.80
CA THR A 31 -8.92 27.32 12.44
C THR A 31 -9.68 28.40 11.66
N PRO A 32 -10.67 29.00 12.32
CA PRO A 32 -11.48 30.01 11.57
C PRO A 32 -10.74 31.33 11.45
N ALA A 33 -11.29 32.22 10.61
CA ALA A 33 -10.65 33.43 10.22
C ALA A 33 -10.33 34.40 11.40
N GLU A 34 -11.13 34.37 12.45
CA GLU A 34 -10.91 35.23 13.62
C GLU A 34 -10.43 34.52 14.84
N TYR A 35 -9.92 33.28 14.70
CA TYR A 35 -9.09 32.73 15.74
C TYR A 35 -7.83 33.58 15.80
N GLU A 36 -7.52 34.21 16.96
CA GLU A 36 -6.32 35.00 17.02
C GLU A 36 -5.04 34.20 17.09
N PHE A 37 -4.18 34.36 16.10
CA PHE A 37 -2.83 33.71 16.14
C PHE A 37 -1.88 34.56 16.92
N LYS A 38 -1.31 34.00 17.95
CA LYS A 38 -0.28 34.68 18.69
C LYS A 38 1.07 34.09 18.33
N PHE A 39 2.10 34.92 18.40
CA PHE A 39 3.48 34.52 18.01
C PHE A 39 4.40 34.90 19.11
N ARG A 40 5.42 34.08 19.35
CA ARG A 40 6.38 34.36 20.43
C ARG A 40 7.12 35.67 20.22
N LYS A 41 7.40 36.02 18.96
CA LYS A 41 8.20 37.20 18.65
C LYS A 41 7.66 38.12 17.60
N GLU A 42 6.38 38.06 17.34
CA GLU A 42 5.70 38.92 16.34
C GLU A 42 4.33 39.28 16.89
N LYS A 43 3.78 40.38 16.41
CA LYS A 43 2.45 40.77 16.80
C LYS A 43 1.41 39.80 16.31
N ALA A 44 0.33 39.76 17.08
CA ALA A 44 -0.76 38.82 16.90
C ALA A 44 -1.43 39.09 15.62
N ILE A 45 -2.00 38.05 15.02
CA ILE A 45 -2.80 38.16 13.81
C ILE A 45 -4.24 37.79 14.15
N LYS A 46 -5.09 38.83 14.16
CA LYS A 46 -6.49 38.70 14.54
C LYS A 46 -7.47 38.32 13.45
N ASN A 47 -7.13 38.60 12.19
N ASN A 47 -7.12 38.60 12.20
CA ASN A 47 -8.01 38.30 11.07
CA ASN A 47 -7.98 38.27 11.09
C ASN A 47 -7.13 37.72 10.00
C ASN A 47 -7.12 37.72 10.01
N HIS A 48 -7.44 36.54 9.50
CA HIS A 48 -6.56 35.85 8.58
C HIS A 48 -7.34 34.86 7.83
N LYS A 49 -6.68 34.17 6.90
CA LYS A 49 -7.35 33.14 6.15
C LYS A 49 -7.70 31.93 7.03
N SER A 50 -8.82 31.26 6.76
CA SER A 50 -9.15 30.10 7.56
C SER A 50 -8.35 28.87 7.07
N LEU A 51 -8.15 27.93 7.98
CA LEU A 51 -7.37 26.76 7.71
C LEU A 51 -8.15 25.48 8.08
N ILE A 52 -7.87 24.42 7.33
CA ILE A 52 -8.24 23.08 7.75
C ILE A 52 -6.98 22.20 7.63
N GLY A 53 -6.73 21.36 8.64
CA GLY A 53 -5.60 20.47 8.56
C GLY A 53 -5.59 19.46 9.67
N VAL A 54 -4.42 18.82 9.84
CA VAL A 54 -4.26 17.73 10.78
C VAL A 54 -3.15 18.10 11.72
N GLY A 55 -3.39 17.83 12.98
CA GLY A 55 -2.41 18.12 14.01
C GLY A 55 -2.93 17.80 15.41
N ILE A 56 -2.39 18.50 16.40
CA ILE A 56 -2.93 18.41 17.76
C ILE A 56 -3.26 19.83 18.24
N VAL A 57 -4.11 19.96 19.23
CA VAL A 57 -4.29 21.27 19.87
C VAL A 57 -3.74 21.19 21.30
N ALA A 58 -2.87 22.10 21.62
CA ALA A 58 -2.29 22.19 22.95
C ALA A 58 -2.39 23.64 23.39
N ASN A 59 -2.84 23.83 24.64
N ASN A 59 -2.79 23.88 24.65
CA ASN A 59 -3.07 25.16 25.20
CA ASN A 59 -3.08 25.26 25.15
C ASN A 59 -3.84 26.07 24.23
C ASN A 59 -3.86 26.10 24.21
N ASP A 60 -4.88 25.52 23.59
CA ASP A 60 -5.72 26.21 22.65
C ASP A 60 -5.01 26.77 21.41
N TYR A 61 -3.92 26.10 21.04
CA TYR A 61 -3.08 26.48 19.89
C TYR A 61 -3.11 25.30 18.89
N PRO A 62 -3.38 25.56 17.62
CA PRO A 62 -3.37 24.49 16.66
C PRO A 62 -1.92 24.18 16.13
N LEU A 63 -1.39 23.03 16.49
CA LEU A 63 -0.08 22.57 16.07
C LEU A 63 -0.28 21.64 14.89
N TYR A 64 -0.26 22.25 13.71
CA TYR A 64 -0.49 21.53 12.47
C TYR A 64 0.74 20.75 11.98
N PHE A 65 0.51 19.54 11.50
CA PHE A 65 1.49 18.76 10.71
C PHE A 65 1.40 19.05 9.27
N ASP A 66 0.20 19.40 8.84
CA ASP A 66 -0.07 19.84 7.55
C ASP A 66 -1.47 20.53 7.56
N ALA A 67 -1.72 21.34 6.52
CA ALA A 67 -2.98 22.09 6.43
C ALA A 67 -3.09 22.74 5.08
N ILE A 68 -4.30 23.13 4.76
CA ILE A 68 -4.54 24.07 3.66
C ILE A 68 -5.33 25.26 4.17
N ASN A 69 -5.39 26.31 3.34
CA ASN A 69 -6.22 27.50 3.67
C ASN A 69 -7.37 27.61 2.72
N GLU A 70 -8.21 28.62 2.97
CA GLU A 70 -9.40 28.84 2.21
C GLU A 70 -9.13 29.15 0.73
N ASP A 71 -7.90 29.52 0.36
CA ASP A 71 -7.53 29.75 -1.00
C ASP A 71 -6.96 28.49 -1.71
N GLY A 72 -6.84 27.36 -1.03
CA GLY A 72 -6.23 26.18 -1.66
C GLY A 72 -4.73 26.20 -1.69
N LEU A 73 -4.11 26.96 -0.81
CA LEU A 73 -2.69 26.88 -0.56
C LEU A 73 -2.48 25.84 0.57
N GLY A 74 -1.53 24.94 0.36
CA GLY A 74 -1.19 23.87 1.30
C GLY A 74 0.25 23.91 1.77
N MET A 75 0.49 23.44 3.01
CA MET A 75 1.81 23.36 3.58
C MET A 75 1.91 22.14 4.50
N ALA A 76 3.02 21.43 4.35
CA ALA A 76 3.29 20.28 5.26
C ALA A 76 4.69 20.35 5.78
N GLY A 77 4.86 20.02 7.07
CA GLY A 77 6.15 19.89 7.70
C GLY A 77 6.51 18.41 7.77
N LEU A 78 7.69 18.08 7.24
CA LEU A 78 8.22 16.72 7.19
C LEU A 78 9.53 16.64 7.92
N ASN A 79 9.79 15.52 8.60
CA ASN A 79 11.05 15.39 9.34
C ASN A 79 12.32 15.58 8.47
N PHE A 80 13.29 16.30 9.04
CA PHE A 80 14.53 16.73 8.36
C PHE A 80 15.62 16.79 9.44
N PRO A 81 15.92 15.66 10.05
CA PRO A 81 16.77 15.72 11.26
C PRO A 81 18.19 16.11 10.94
N GLY A 82 18.83 16.86 11.84
CA GLY A 82 20.22 17.25 11.66
C GLY A 82 20.43 18.39 10.69
N ASN A 83 19.81 18.39 9.52
CA ASN A 83 20.00 19.45 8.57
C ASN A 83 19.18 20.72 8.91
N ALA A 84 18.05 20.59 9.62
CA ALA A 84 17.23 21.75 9.90
C ALA A 84 18.02 22.61 10.86
N TYR A 85 17.98 23.91 10.65
CA TYR A 85 18.77 24.82 11.52
C TYR A 85 17.89 25.94 11.99
N TYR A 86 17.63 26.00 13.29
CA TYR A 86 16.78 27.04 13.86
C TYR A 86 17.68 27.98 14.67
N SER A 87 17.56 29.28 14.45
CA SER A 87 18.49 30.25 15.00
C SER A 87 18.34 30.49 16.48
N ASP A 88 19.46 30.56 17.17
CA ASP A 88 19.39 30.87 18.59
C ASP A 88 19.22 32.39 18.89
N ALA A 89 19.47 33.23 17.90
CA ALA A 89 19.29 34.66 18.01
C ALA A 89 18.18 35.18 17.08
N LEU A 90 17.51 36.21 17.55
CA LEU A 90 16.60 37.06 16.70
C LEU A 90 17.40 37.75 15.67
N GLU A 91 16.80 37.95 14.54
CA GLU A 91 17.43 38.71 13.47
C GLU A 91 16.58 39.95 13.25
N ASN A 92 17.18 41.12 13.41
CA ASN A 92 16.42 42.39 13.35
C ASN A 92 15.95 42.74 11.94
N ASP A 93 16.51 42.11 10.92
CA ASP A 93 16.12 42.32 9.55
C ASP A 93 15.20 41.25 9.01
N LYS A 94 14.67 40.41 9.89
CA LYS A 94 13.75 39.32 9.50
C LYS A 94 12.54 39.23 10.43
N ASP A 95 11.52 38.51 9.96
CA ASP A 95 10.43 38.10 10.82
C ASP A 95 10.95 36.89 11.63
N ASN A 96 10.81 36.91 12.95
CA ASN A 96 11.33 35.83 13.79
C ASN A 96 10.16 34.93 14.23
N ILE A 97 10.13 33.72 13.63
CA ILE A 97 8.98 32.81 13.65
C ILE A 97 9.47 31.43 14.07
N THR A 98 8.72 30.81 14.98
CA THR A 98 9.10 29.50 15.44
C THR A 98 8.65 28.47 14.39
N PRO A 99 9.26 27.29 14.39
CA PRO A 99 8.84 26.28 13.44
C PRO A 99 7.41 25.85 13.63
N PHE A 100 6.88 25.86 14.87
CA PHE A 100 5.47 25.47 15.11
C PHE A 100 4.47 26.56 14.68
N GLU A 101 4.97 27.79 14.49
CA GLU A 101 4.18 28.92 14.01
C GLU A 101 4.18 29.03 12.50
N PHE A 102 5.01 28.25 11.81
CA PHE A 102 5.37 28.53 10.41
C PHE A 102 4.18 28.29 9.54
N ILE A 103 3.46 27.19 9.77
CA ILE A 103 2.25 26.93 9.00
C ILE A 103 1.16 28.03 9.16
N PRO A 104 0.79 28.41 10.40
CA PRO A 104 -0.02 29.61 10.55
C PRO A 104 0.50 30.88 9.86
N TRP A 105 1.78 31.14 9.97
CA TRP A 105 2.36 32.40 9.48
C TRP A 105 2.18 32.46 7.94
N ILE A 106 2.45 31.34 7.27
CA ILE A 106 2.31 31.30 5.84
C ILE A 106 0.85 31.19 5.38
N LEU A 107 0.17 30.16 5.86
CA LEU A 107 -1.17 29.86 5.35
C LEU A 107 -2.19 30.91 5.81
N GLY A 108 -1.92 31.57 6.95
CA GLY A 108 -2.86 32.58 7.45
C GLY A 108 -2.80 33.83 6.56
N GLN A 109 -1.70 34.03 5.83
CA GLN A 109 -1.46 35.32 5.15
C GLN A 109 -1.25 35.21 3.67
N CYS A 110 -1.08 34.03 3.10
CA CYS A 110 -0.66 33.91 1.74
C CYS A 110 -1.76 33.17 0.96
N SER A 111 -2.01 33.64 -0.28
CA SER A 111 -3.03 32.99 -1.10
C SER A 111 -2.45 32.01 -2.09
N ASP A 112 -1.15 32.04 -2.38
CA ASP A 112 -0.59 31.18 -3.42
C ASP A 112 0.87 31.01 -3.18
N VAL A 113 1.48 30.21 -4.03
CA VAL A 113 2.89 29.88 -3.83
C VAL A 113 3.83 31.08 -3.93
N ASN A 114 3.60 31.99 -4.90
CA ASN A 114 4.46 33.18 -4.97
C ASN A 114 4.43 34.01 -3.71
N GLU A 115 3.25 34.25 -3.13
CA GLU A 115 3.20 35.00 -1.91
C GLU A 115 3.90 34.23 -0.79
N ALA A 116 3.71 32.90 -0.75
CA ALA A 116 4.43 32.09 0.28
C ALA A 116 5.96 32.23 0.17
N ARG A 117 6.49 32.08 -1.04
CA ARG A 117 7.88 32.26 -1.29
C ARG A 117 8.36 33.64 -0.77
N ASN A 118 7.67 34.71 -1.17
CA ASN A 118 8.11 36.05 -0.73
C ASN A 118 8.14 36.19 0.78
N LEU A 119 7.20 35.55 1.48
CA LEU A 119 7.16 35.68 2.96
C LEU A 119 8.26 34.82 3.57
N VAL A 120 8.50 33.64 2.98
CA VAL A 120 9.68 32.84 3.41
C VAL A 120 11.00 33.53 3.22
N GLU A 121 11.14 34.36 2.16
CA GLU A 121 12.34 35.14 1.94
C GLU A 121 12.60 36.17 3.04
N LYS A 122 11.59 36.44 3.87
CA LYS A 122 11.72 37.42 4.98
C LYS A 122 11.84 36.79 6.36
N ILE A 123 11.94 35.45 6.45
CA ILE A 123 11.89 34.75 7.72
C ILE A 123 13.23 34.42 8.33
N ASN A 124 13.19 34.32 9.64
CA ASN A 124 14.24 33.70 10.41
C ASN A 124 13.56 32.70 11.35
N LEU A 125 13.82 31.42 11.16
CA LEU A 125 13.18 30.41 12.02
C LEU A 125 13.99 30.36 13.29
N ILE A 126 13.31 30.52 14.40
CA ILE A 126 13.99 30.62 15.71
C ILE A 126 13.80 29.36 16.58
N ASN A 127 14.85 29.02 17.32
CA ASN A 127 14.93 27.83 18.10
C ASN A 127 14.21 27.92 19.44
N LEU A 128 12.92 28.07 19.39
CA LEU A 128 12.06 28.15 20.57
C LEU A 128 10.98 27.11 20.42
N SER A 129 10.92 26.18 21.36
CA SER A 129 9.91 25.10 21.42
C SER A 129 8.57 25.54 21.94
N PHE A 130 7.55 24.84 21.53
CA PHE A 130 6.22 25.11 21.97
C PHE A 130 6.10 25.01 23.53
N SER A 131 6.63 23.95 24.09
CA SER A 131 6.56 23.67 25.56
C SER A 131 7.64 22.61 25.84
N GLU A 132 7.90 22.34 27.11
CA GLU A 132 8.84 21.36 27.45
C GLU A 132 8.48 19.98 27.00
N GLN A 133 7.19 19.69 26.94
CA GLN A 133 6.75 18.35 26.54
C GLN A 133 6.62 18.18 25.02
N LEU A 134 6.72 19.28 24.27
CA LEU A 134 6.66 19.22 22.80
C LEU A 134 7.90 19.96 22.28
N PRO A 135 9.09 19.37 22.42
CA PRO A 135 10.33 20.02 21.93
C PRO A 135 10.35 20.03 20.41
N LEU A 136 11.12 20.94 19.85
CA LEU A 136 11.21 21.08 18.39
C LEU A 136 11.88 19.82 17.81
N ALA A 137 11.44 19.44 16.64
CA ALA A 137 12.11 18.49 15.77
C ALA A 137 12.61 19.27 14.49
N GLY A 138 13.67 18.76 13.87
CA GLY A 138 14.09 19.31 12.57
C GLY A 138 13.07 18.98 11.48
N LEU A 139 12.65 20.01 10.71
CA LEU A 139 11.67 19.85 9.70
C LEU A 139 12.14 20.59 8.43
N HIS A 140 11.57 20.14 7.28
CA HIS A 140 11.49 20.97 6.06
C HIS A 140 10.06 20.91 5.57
N TRP A 141 9.74 21.72 4.58
CA TRP A 141 8.35 21.90 4.23
C TRP A 141 8.14 21.78 2.74
N LEU A 142 6.95 21.28 2.41
CA LEU A 142 6.40 21.40 1.04
C LEU A 142 5.24 22.36 1.09
N ILE A 143 5.26 23.34 0.18
CA ILE A 143 4.21 24.33 0.06
C ILE A 143 3.65 24.18 -1.37
N ALA A 144 2.34 24.00 -1.49
CA ALA A 144 1.74 23.77 -2.80
C ALA A 144 0.46 24.53 -2.99
N ASP A 145 0.23 24.97 -4.22
CA ASP A 145 -1.11 25.45 -4.61
C ASP A 145 -1.52 24.65 -5.81
N ARG A 146 -2.67 24.99 -6.41
CA ARG A 146 -3.19 24.18 -7.51
C ARG A 146 -2.27 24.19 -8.79
N GLU A 147 -1.32 25.11 -8.87
CA GLU A 147 -0.45 25.24 -10.00
C GLU A 147 0.92 24.59 -9.77
N LYS A 148 1.51 24.75 -8.60
CA LYS A 148 2.93 24.41 -8.44
C LYS A 148 3.28 24.18 -6.97
N SER A 149 4.52 23.79 -6.70
CA SER A 149 4.97 23.65 -5.30
C SER A 149 6.41 24.07 -5.17
N ILE A 150 6.76 24.36 -3.91
CA ILE A 150 8.11 24.67 -3.56
C ILE A 150 8.48 23.89 -2.31
N VAL A 151 9.77 23.77 -2.15
CA VAL A 151 10.38 23.13 -1.00
C VAL A 151 11.10 24.20 -0.23
N VAL A 152 10.88 24.23 1.08
CA VAL A 152 11.64 25.10 1.98
C VAL A 152 12.54 24.29 2.87
N GLU A 153 13.84 24.55 2.79
CA GLU A 153 14.82 23.88 3.64
C GLU A 153 15.66 24.99 4.28
N VAL A 154 15.55 25.13 5.59
CA VAL A 154 16.34 26.09 6.34
C VAL A 154 17.45 25.31 7.02
N THR A 155 18.66 25.58 6.60
CA THR A 155 19.82 24.86 7.09
C THR A 155 20.87 25.84 7.55
N LYS A 156 22.00 25.31 8.01
CA LYS A 156 23.10 26.21 8.47
C LYS A 156 23.53 27.18 7.38
N SER A 157 23.40 26.83 6.11
CA SER A 157 23.77 27.74 5.04
C SER A 157 22.73 28.71 4.58
N GLY A 158 21.54 28.74 5.14
CA GLY A 158 20.55 29.71 4.70
C GLY A 158 19.14 29.15 4.57
N VAL A 159 18.23 30.04 4.20
CA VAL A 159 16.87 29.70 3.95
C VAL A 159 16.80 29.34 2.45
N HIS A 160 16.66 28.07 2.12
CA HIS A 160 16.69 27.65 0.71
C HIS A 160 15.27 27.33 0.27
N ILE A 161 14.86 27.90 -0.89
CA ILE A 161 13.60 27.68 -1.50
C ILE A 161 13.82 27.09 -2.88
N TYR A 162 13.25 25.91 -3.13
CA TYR A 162 13.42 25.25 -4.42
C TYR A 162 12.07 25.11 -5.09
N ASP A 163 12.03 25.39 -6.37
CA ASP A 163 10.93 24.95 -7.18
C ASP A 163 10.90 23.41 -7.18
N ASN A 164 9.72 22.82 -7.04
CA ASN A 164 9.61 21.36 -7.01
C ASN A 164 9.01 20.86 -8.31
N PRO A 165 9.85 20.36 -9.26
CA PRO A 165 9.30 20.03 -10.60
C PRO A 165 8.42 18.80 -10.66
N ILE A 166 8.39 18.02 -9.58
CA ILE A 166 7.67 16.73 -9.60
C ILE A 166 6.61 16.62 -8.50
N GLY A 167 6.55 17.58 -7.59
CA GLY A 167 5.59 17.50 -6.49
C GLY A 167 5.81 16.32 -5.55
N ILE A 168 7.05 16.09 -5.14
CA ILE A 168 7.41 14.99 -4.22
C ILE A 168 8.37 15.50 -3.17
N LEU A 169 8.17 15.10 -1.94
CA LEU A 169 9.14 15.34 -0.86
C LEU A 169 9.12 14.22 0.16
N THR A 170 10.29 13.89 0.69
CA THR A 170 10.39 12.98 1.84
C THR A 170 11.16 13.57 2.95
N ASN A 171 12.30 12.98 3.33
CA ASN A 171 13.08 13.42 4.44
C ASN A 171 14.49 13.75 3.92
N ASN A 172 15.56 13.45 4.66
CA ASN A 172 16.96 13.68 4.15
C ASN A 172 17.22 12.73 3.01
N PRO A 173 18.14 13.09 2.10
CA PRO A 173 18.96 14.32 2.15
C PRO A 173 18.26 15.56 1.59
N GLU A 174 19.02 16.65 1.54
CA GLU A 174 18.55 17.90 1.01
C GLU A 174 18.05 17.78 -0.42
N PHE A 175 17.21 18.72 -0.82
CA PHE A 175 16.38 18.50 -1.99
C PHE A 175 17.18 18.32 -3.30
N ASN A 176 18.25 19.10 -3.49
CA ASN A 176 19.02 18.92 -4.73
C ASN A 176 19.60 17.49 -4.83
N TYR A 177 19.94 16.91 -3.69
CA TYR A 177 20.43 15.53 -3.62
C TYR A 177 19.34 14.54 -3.98
N GLN A 178 18.12 14.72 -3.45
CA GLN A 178 17.03 13.85 -3.80
C GLN A 178 16.74 13.90 -5.31
N MET A 179 16.79 15.09 -5.89
CA MET A 179 16.49 15.25 -7.33
C MET A 179 17.60 14.62 -8.17
N TYR A 180 18.86 14.93 -7.80
CA TYR A 180 19.98 14.31 -8.49
C TYR A 180 19.91 12.78 -8.48
N ASN A 181 19.54 12.22 -7.33
CA ASN A 181 19.42 10.78 -7.16
C ASN A 181 18.48 10.05 -8.14
N LEU A 182 17.46 10.74 -8.62
CA LEU A 182 16.61 10.17 -9.65
C LEU A 182 17.33 9.82 -10.97
N ASN A 183 18.44 10.52 -11.26
CA ASN A 183 19.06 10.40 -12.56
C ASN A 183 19.49 8.99 -12.88
N LYS A 184 19.94 8.26 -11.87
CA LYS A 184 20.40 6.91 -12.10
C LYS A 184 19.31 5.89 -12.36
N TYR A 185 18.05 6.30 -12.22
CA TYR A 185 16.89 5.44 -12.53
C TYR A 185 16.24 5.68 -13.88
N ARG A 186 16.92 6.40 -14.76
CA ARG A 186 16.31 6.73 -16.06
C ARG A 186 15.84 5.54 -16.89
N ASN A 187 16.47 4.40 -16.72
CA ASN A 187 16.21 3.19 -17.49
C ASN A 187 15.02 2.37 -16.98
N LEU A 188 14.45 2.71 -15.84
CA LEU A 188 13.22 2.06 -15.43
C LEU A 188 12.10 2.33 -16.40
N SER A 189 11.16 1.38 -16.47
CA SER A 189 10.10 1.47 -17.41
C SER A 189 8.83 0.84 -16.86
N ILE A 190 7.68 1.29 -17.36
CA ILE A 190 6.42 0.68 -17.02
C ILE A 190 6.13 -0.56 -17.88
N SER A 191 6.91 -0.83 -18.93
CA SER A 191 6.62 -1.99 -19.74
C SER A 191 7.87 -2.87 -19.86
N THR A 192 7.67 -4.06 -20.34
CA THR A 192 8.73 -5.06 -20.44
C THR A 192 9.78 -4.48 -21.40
N PRO A 193 11.00 -4.42 -20.98
CA PRO A 193 12.01 -3.96 -21.91
C PRO A 193 12.48 -4.95 -22.95
N GLN A 194 13.18 -4.42 -23.95
CA GLN A 194 13.87 -5.26 -24.94
C GLN A 194 15.09 -5.84 -24.27
N ASN A 195 15.62 -6.93 -24.81
CA ASN A 195 16.87 -7.45 -24.36
C ASN A 195 18.00 -6.62 -24.95
N THR A 196 18.49 -5.65 -24.20
CA THR A 196 19.66 -4.91 -24.56
C THR A 196 20.91 -5.43 -23.88
N PHE A 197 20.77 -6.39 -22.99
CA PHE A 197 21.93 -7.00 -22.28
C PHE A 197 22.88 -7.64 -23.27
N SER A 198 22.32 -8.46 -24.17
CA SER A 198 23.05 -8.98 -25.32
C SER A 198 22.16 -9.83 -26.15
N ASP A 199 22.22 -9.59 -27.46
CA ASP A 199 21.44 -10.46 -28.37
C ASP A 199 22.07 -11.84 -28.55
N SER A 200 23.24 -12.12 -27.95
CA SER A 200 23.80 -13.43 -27.98
C SER A 200 23.27 -14.42 -26.94
N VAL A 201 22.35 -14.01 -26.07
CA VAL A 201 21.77 -14.90 -25.09
C VAL A 201 20.28 -14.67 -25.12
N ASP A 202 19.55 -15.79 -25.08
CA ASP A 202 18.09 -15.77 -25.29
C ASP A 202 17.43 -15.54 -23.92
N LEU A 203 17.36 -14.29 -23.48
CA LEU A 203 16.83 -14.03 -22.16
C LEU A 203 15.32 -14.09 -22.27
N LYS A 204 14.69 -14.66 -21.26
CA LYS A 204 13.25 -14.89 -21.29
C LYS A 204 12.50 -14.08 -20.24
N VAL A 205 11.26 -13.70 -20.55
CA VAL A 205 10.41 -12.93 -19.61
C VAL A 205 9.28 -13.84 -19.26
N ASP A 206 9.17 -14.17 -17.99
CA ASP A 206 8.13 -15.11 -17.49
C ASP A 206 7.06 -14.47 -16.60
N GLY A 207 7.01 -13.15 -16.62
CA GLY A 207 6.01 -12.38 -15.90
C GLY A 207 5.99 -10.94 -16.30
N THR A 208 5.01 -10.21 -15.77
CA THR A 208 4.89 -8.75 -16.07
C THR A 208 5.71 -7.96 -15.04
N GLY A 209 5.92 -6.69 -15.32
CA GLY A 209 6.57 -5.82 -14.30
C GLY A 209 8.11 -5.80 -14.42
N PHE A 210 8.70 -6.42 -15.45
CA PHE A 210 10.18 -6.49 -15.52
C PHE A 210 10.79 -5.09 -15.72
N GLY A 211 10.02 -4.18 -16.30
CA GLY A 211 10.51 -2.83 -16.57
C GLY A 211 10.93 -2.08 -15.28
N GLY A 212 10.26 -2.38 -14.17
CA GLY A 212 10.59 -1.68 -12.94
C GLY A 212 11.78 -2.22 -12.15
N ILE A 213 12.40 -3.33 -12.56
CA ILE A 213 13.49 -3.94 -11.80
C ILE A 213 14.66 -2.92 -11.66
N GLY A 214 15.04 -2.65 -10.41
CA GLY A 214 15.96 -1.58 -10.10
C GLY A 214 15.26 -0.61 -9.16
N LEU A 215 13.95 -0.48 -9.23
CA LEU A 215 13.27 0.36 -8.31
C LEU A 215 13.48 -0.05 -6.85
N PRO A 216 13.81 0.89 -5.97
CA PRO A 216 14.02 0.46 -4.58
C PRO A 216 12.72 0.30 -3.81
N GLY A 217 12.70 -0.70 -2.93
CA GLY A 217 11.49 -1.10 -2.19
C GLY A 217 11.47 -0.79 -0.72
N ASP A 218 12.61 -0.35 -0.17
CA ASP A 218 12.74 -0.18 1.29
C ASP A 218 12.05 1.13 1.70
N VAL A 219 12.08 1.43 2.99
CA VAL A 219 11.45 2.61 3.52
C VAL A 219 12.42 3.67 3.96
N SER A 220 13.68 3.60 3.52
CA SER A 220 14.56 4.76 3.71
C SER A 220 13.97 5.97 2.99
N PRO A 221 14.29 7.18 3.46
CA PRO A 221 13.69 8.34 2.78
C PRO A 221 14.08 8.51 1.31
N GLU A 222 15.33 8.19 0.94
CA GLU A 222 15.67 8.30 -0.47
C GLU A 222 14.93 7.29 -1.37
N SER A 223 14.80 6.06 -0.88
CA SER A 223 14.11 5.04 -1.62
C SER A 223 12.62 5.42 -1.77
N ARG A 224 12.04 5.95 -0.69
CA ARG A 224 10.67 6.36 -0.78
C ARG A 224 10.52 7.51 -1.80
N PHE A 225 11.53 8.38 -1.83
CA PHE A 225 11.49 9.52 -2.75
C PHE A 225 11.45 8.97 -4.20
N VAL A 226 12.38 8.08 -4.51
CA VAL A 226 12.39 7.47 -5.83
C VAL A 226 11.08 6.74 -6.19
N ARG A 227 10.63 5.91 -5.27
CA ARG A 227 9.45 5.05 -5.51
C ARG A 227 8.19 5.88 -5.60
N ALA A 228 8.05 6.90 -4.76
CA ALA A 228 6.88 7.75 -4.87
C ALA A 228 6.88 8.57 -6.21
N THR A 229 8.04 8.99 -6.66
CA THR A 229 8.18 9.76 -7.89
C THR A 229 7.72 8.86 -9.06
N PHE A 230 8.25 7.66 -9.11
CA PHE A 230 7.92 6.73 -10.24
C PHE A 230 6.45 6.37 -10.23
N SER A 231 5.92 6.12 -9.03
CA SER A 231 4.52 5.76 -8.87
C SER A 231 3.60 6.89 -9.22
N LYS A 232 3.88 8.09 -8.74
CA LYS A 232 3.05 9.25 -9.06
C LYS A 232 3.12 9.63 -10.52
N LEU A 233 4.32 9.77 -11.06
CA LEU A 233 4.44 10.25 -12.42
C LEU A 233 3.86 9.30 -13.43
N ASN A 234 3.82 7.99 -13.13
CA ASN A 234 3.27 7.04 -14.03
C ASN A 234 1.83 6.66 -13.75
N SER A 235 1.24 7.19 -12.70
CA SER A 235 -0.08 6.75 -12.32
C SER A 235 -1.08 7.13 -13.41
N SER A 236 -1.98 6.22 -13.70
CA SER A 236 -3.08 6.42 -14.69
C SER A 236 -3.97 7.56 -14.26
N LYS A 237 -4.40 8.35 -15.24
CA LYS A 237 -5.35 9.44 -15.00
C LYS A 237 -6.71 8.86 -14.69
N GLY A 238 -7.46 9.55 -13.89
CA GLY A 238 -8.83 9.17 -13.60
C GLY A 238 -9.76 10.08 -14.42
N MET A 239 -11.00 9.67 -14.54
CA MET A 239 -12.03 10.46 -15.22
C MET A 239 -12.83 11.28 -14.27
N THR A 240 -12.80 10.98 -12.98
CA THR A 240 -13.53 11.83 -12.03
C THR A 240 -12.64 12.24 -10.85
N VAL A 241 -13.11 13.17 -10.06
CA VAL A 241 -12.46 13.53 -8.81
C VAL A 241 -12.39 12.31 -7.88
N GLU A 242 -13.45 11.51 -7.82
CA GLU A 242 -13.39 10.31 -6.94
C GLU A 242 -12.27 9.37 -7.35
N GLU A 243 -12.13 9.13 -8.65
CA GLU A 243 -11.08 8.26 -9.14
C GLU A 243 -9.69 8.84 -8.81
N ASP A 244 -9.54 10.16 -8.91
CA ASP A 244 -8.31 10.81 -8.56
C ASP A 244 -7.93 10.60 -7.09
N ILE A 245 -8.89 10.75 -6.18
CA ILE A 245 -8.64 10.57 -4.74
C ILE A 245 -8.29 9.11 -4.44
N THR A 246 -9.02 8.21 -5.09
CA THR A 246 -8.65 6.79 -5.04
C THR A 246 -7.21 6.55 -5.47
N GLN A 247 -6.82 7.10 -6.65
CA GLN A 247 -5.46 6.93 -7.17
C GLN A 247 -4.44 7.54 -6.18
N PHE A 248 -4.76 8.71 -5.62
CA PHE A 248 -3.86 9.40 -4.67
C PHE A 248 -3.52 8.52 -3.43
N PHE A 249 -4.52 7.87 -2.83
CA PHE A 249 -4.26 6.97 -1.75
C PHE A 249 -3.43 5.75 -2.18
N HIS A 250 -3.67 5.26 -3.38
CA HIS A 250 -2.86 4.16 -3.92
C HIS A 250 -1.41 4.63 -4.05
N ILE A 251 -1.20 5.85 -4.53
CA ILE A 251 0.16 6.36 -4.66
C ILE A 251 0.89 6.44 -3.32
N LEU A 252 0.24 7.02 -2.34
CA LEU A 252 0.80 7.12 -0.96
C LEU A 252 1.00 5.76 -0.39
N GLY A 253 0.09 4.82 -0.70
CA GLY A 253 0.27 3.39 -0.29
C GLY A 253 1.56 2.73 -0.78
N THR A 254 2.08 3.13 -1.92
CA THR A 254 3.33 2.52 -2.43
C THR A 254 4.56 2.78 -1.54
N VAL A 255 4.47 3.84 -0.73
CA VAL A 255 5.54 4.21 0.19
C VAL A 255 5.14 4.24 1.65
N GLU A 256 4.04 3.56 1.95
CA GLU A 256 3.56 3.36 3.32
C GLU A 256 4.58 2.54 4.12
N GLN A 257 4.66 2.81 5.43
CA GLN A 257 5.53 2.06 6.34
C GLN A 257 4.67 1.26 7.23
N ILE A 258 4.81 -0.07 7.16
CA ILE A 258 4.06 -0.95 8.00
C ILE A 258 4.76 -1.17 9.25
N LYS A 259 4.02 -1.45 10.31
CA LYS A 259 4.69 -1.76 11.54
C LYS A 259 5.49 -3.08 11.54
N GLY A 260 6.78 -2.99 11.79
CA GLY A 260 7.69 -4.05 11.91
C GLY A 260 8.92 -4.02 11.02
N VAL A 261 8.85 -3.23 9.95
CA VAL A 261 9.91 -3.22 9.00
C VAL A 261 10.97 -2.13 9.23
N ASN A 262 10.65 -1.18 10.09
CA ASN A 262 11.55 -0.04 10.34
C ASN A 262 11.63 0.27 11.84
N LYS A 263 12.66 -0.31 12.46
CA LYS A 263 12.82 -0.26 13.90
C LYS A 263 13.86 0.79 14.25
N THR A 264 13.43 1.79 15.00
CA THR A 264 14.21 3.01 15.17
C THR A 264 15.20 2.74 16.32
N GLU A 265 16.10 3.70 16.59
CA GLU A 265 17.13 3.44 17.60
C GLU A 265 16.49 3.23 18.98
N SER A 266 15.35 3.89 19.21
CA SER A 266 14.54 3.77 20.44
C SER A 266 13.99 2.35 20.67
N GLY A 267 14.02 1.50 19.66
CA GLY A 267 13.38 0.19 19.69
C GLY A 267 11.92 0.18 19.21
N LYS A 268 11.38 1.34 18.89
CA LYS A 268 10.01 1.43 18.44
C LYS A 268 9.88 1.35 16.91
N GLU A 269 8.67 1.02 16.44
CA GLU A 269 8.47 0.73 15.02
C GLU A 269 7.94 2.01 14.36
N GLU A 270 8.64 2.49 13.34
CA GLU A 270 8.16 3.58 12.50
C GLU A 270 7.06 3.06 11.60
N TYR A 271 5.96 3.80 11.53
CA TYR A 271 4.82 3.43 10.66
C TYR A 271 4.01 4.62 10.19
N THR A 272 3.20 4.39 9.15
CA THR A 272 2.43 5.48 8.53
C THR A 272 1.15 5.67 9.38
N VAL A 273 1.24 6.63 10.29
CA VAL A 273 0.18 6.93 11.28
C VAL A 273 -1.08 7.32 10.58
N TYR A 274 -0.96 8.20 9.57
CA TYR A 274 -2.05 8.55 8.72
C TYR A 274 -1.57 8.95 7.34
N SER A 275 -2.50 8.96 6.42
CA SER A 275 -2.34 9.37 5.01
C SER A 275 -3.47 10.38 4.73
N ASN A 276 -3.19 11.41 3.94
CA ASN A 276 -4.28 12.30 3.56
C ASN A 276 -4.12 12.87 2.17
N CYS A 277 -5.22 13.42 1.69
CA CYS A 277 -5.33 14.01 0.35
C CYS A 277 -6.23 15.22 0.55
N TYR A 278 -5.71 16.41 0.30
CA TYR A 278 -6.53 17.60 0.19
C TYR A 278 -6.89 17.89 -1.26
N ASP A 279 -8.19 18.08 -1.54
CA ASP A 279 -8.65 18.62 -2.79
C ASP A 279 -8.56 20.12 -2.59
N LEU A 280 -7.58 20.73 -3.22
CA LEU A 280 -7.27 22.15 -3.08
C LEU A 280 -8.35 23.02 -3.68
N ASP A 281 -8.95 22.59 -4.78
CA ASP A 281 -10.00 23.40 -5.44
C ASP A 281 -11.32 23.44 -4.67
N ASN A 282 -11.74 22.34 -4.06
CA ASN A 282 -12.94 22.47 -3.20
C ASN A 282 -12.65 22.42 -1.68
N LYS A 283 -11.40 22.57 -1.29
CA LYS A 283 -10.99 22.73 0.11
C LYS A 283 -11.55 21.61 0.97
N THR A 284 -11.39 20.35 0.53
CA THR A 284 -11.82 19.22 1.30
C THR A 284 -10.61 18.32 1.71
N LEU A 285 -10.59 17.91 2.96
CA LEU A 285 -9.60 17.01 3.50
C LEU A 285 -10.14 15.61 3.46
N TYR A 286 -9.41 14.67 2.87
CA TYR A 286 -9.70 13.24 2.97
C TYR A 286 -8.62 12.55 3.69
N TYR A 287 -8.90 11.63 4.61
CA TYR A 287 -7.79 10.90 5.28
C TYR A 287 -8.07 9.46 5.66
N THR A 288 -7.00 8.69 5.88
CA THR A 288 -7.08 7.37 6.42
C THR A 288 -6.07 7.29 7.54
N THR A 289 -6.22 6.28 8.41
CA THR A 289 -5.27 6.10 9.50
C THR A 289 -4.73 4.68 9.45
N TYR A 290 -3.63 4.42 10.12
CA TYR A 290 -3.11 3.08 10.11
C TYR A 290 -4.18 2.06 10.52
N GLU A 291 -5.07 2.46 11.44
CA GLU A 291 -6.00 1.53 12.06
C GLU A 291 -7.31 1.46 11.33
N ASN A 292 -7.58 2.42 10.46
CA ASN A 292 -8.89 2.50 9.76
C ASN A 292 -8.74 2.80 8.27
N ARG A 293 -9.02 1.81 7.48
CA ARG A 293 -8.90 1.94 6.03
C ARG A 293 -9.87 2.87 5.35
N GLN A 294 -11.05 3.04 5.93
CA GLN A 294 -12.05 3.81 5.25
C GLN A 294 -11.67 5.30 5.21
N ILE A 295 -11.81 5.93 4.07
CA ILE A 295 -11.52 7.31 3.91
C ILE A 295 -12.59 8.15 4.60
N VAL A 296 -12.12 9.14 5.36
CA VAL A 296 -12.95 10.17 6.00
C VAL A 296 -12.76 11.51 5.31
N ALA A 297 -13.86 12.27 5.08
CA ALA A 297 -13.83 13.55 4.38
C ALA A 297 -14.41 14.67 5.28
N VAL A 298 -13.79 15.83 5.21
CA VAL A 298 -14.29 17.01 5.94
C VAL A 298 -13.94 18.23 5.10
N THR A 299 -14.93 19.12 4.88
CA THR A 299 -14.72 20.27 4.06
C THR A 299 -14.58 21.52 4.96
N LEU A 300 -13.82 22.50 4.48
CA LEU A 300 -13.63 23.73 5.25
C LEU A 300 -14.90 24.63 5.06
N GLY A 306 -16.06 33.24 13.13
CA GLY A 306 -15.78 32.35 14.25
C GLY A 306 -14.40 32.61 14.79
N ASN A 307 -14.24 32.42 16.09
CA ASN A 307 -12.93 32.54 16.71
C ASN A 307 -12.47 31.31 17.50
N ARG A 308 -13.24 30.25 17.49
CA ARG A 308 -12.86 29.03 18.24
C ARG A 308 -12.33 27.93 17.30
N LEU A 309 -11.30 27.21 17.72
CA LEU A 309 -10.85 26.03 16.94
C LEU A 309 -11.94 25.02 16.94
N VAL A 310 -12.14 24.34 15.82
CA VAL A 310 -13.12 23.24 15.75
C VAL A 310 -12.32 21.95 15.45
N THR A 311 -12.56 20.86 16.20
CA THR A 311 -11.74 19.66 16.08
C THR A 311 -12.56 18.42 15.92
N TYR A 312 -11.97 17.40 15.30
N TYR A 312 -11.97 17.40 15.30
CA TYR A 312 -12.63 16.11 15.04
CA TYR A 312 -12.59 16.08 15.17
C TYR A 312 -11.55 15.02 15.18
C TYR A 312 -11.52 15.02 15.23
N PRO A 313 -11.56 14.23 16.29
CA PRO A 313 -10.54 13.27 16.56
C PRO A 313 -10.59 12.11 15.59
N PHE A 314 -9.42 11.64 15.20
CA PHE A 314 -9.34 10.52 14.29
C PHE A 314 -9.83 9.23 14.96
N GLU A 315 -10.66 8.49 14.25
CA GLU A 315 -11.05 7.11 14.60
C GLU A 315 -9.84 6.17 14.32
N ARG A 316 -9.55 5.37 15.36
CA ARG A 316 -8.47 4.37 15.33
C ARG A 316 -8.99 2.94 15.48
N LYS A 317 -10.13 2.68 14.86
CA LYS A 317 -10.81 1.40 14.86
C LYS A 317 -11.10 1.16 13.38
N GLN A 318 -10.93 -0.07 12.96
CA GLN A 318 -11.25 -0.44 11.56
C GLN A 318 -12.75 -0.43 11.29
N ILE A 319 -13.25 0.45 10.43
CA ILE A 319 -14.69 0.51 10.17
C ILE A 319 -15.04 -0.37 9.01
N ILE A 320 -15.66 -1.52 9.30
CA ILE A 320 -15.88 -2.64 8.34
C ILE A 320 -17.35 -2.69 7.99
N ASN A 321 -17.65 -2.78 6.71
CA ASN A 321 -19.01 -3.02 6.21
C ASN A 321 -19.33 -4.53 6.33
N LYS A 322 -20.10 -4.88 7.35
CA LYS A 322 -20.45 -6.29 7.60
C LYS A 322 -21.71 -6.64 6.84
N LEU A 323 -21.64 -7.56 5.86
CA LEU A 323 -22.85 -8.12 5.20
C LEU A 323 -23.34 -9.32 6.02
N OCS B 2 -0.14 -11.47 -8.86
CA OCS B 2 -0.86 -12.02 -7.73
CB OCS B 2 -1.49 -13.39 -8.11
SG OCS B 2 -2.60 -13.25 -9.46
C OCS B 2 0.11 -12.22 -6.60
O OCS B 2 1.23 -12.66 -6.80
OD1 OCS B 2 -3.18 -14.69 -10.02
OD2 OCS B 2 -3.57 -12.37 -9.06
OD3 OCS B 2 -1.44 -13.07 -10.38
N THR B 3 -0.36 -12.02 -5.38
CA THR B 3 0.40 -12.40 -4.21
C THR B 3 -0.52 -13.05 -3.22
N ALA B 4 -0.18 -14.23 -2.73
CA ALA B 4 -1.00 -14.91 -1.67
C ALA B 4 -0.17 -15.12 -0.46
N ILE B 5 -0.71 -14.91 0.73
CA ILE B 5 0.01 -15.06 1.97
C ILE B 5 -0.83 -15.72 3.05
N THR B 6 -0.17 -16.29 4.03
CA THR B 6 -0.81 -16.68 5.26
C THR B 6 -0.25 -15.82 6.38
N LEU B 7 -0.97 -15.78 7.52
CA LEU B 7 -0.45 -15.07 8.69
C LEU B 7 -1.01 -15.84 9.89
N ASN B 8 -0.17 -16.02 10.90
CA ASN B 8 -0.57 -16.63 12.16
C ASN B 8 -0.49 -15.61 13.26
N GLY B 9 -1.63 -15.29 13.90
CA GLY B 9 -1.66 -14.30 14.99
C GLY B 9 -2.66 -14.76 16.06
N ASN B 10 -3.60 -13.89 16.40
CA ASN B 10 -4.66 -14.23 17.33
C ASN B 10 -5.68 -15.17 16.71
N SER B 11 -5.89 -15.09 15.40
CA SER B 11 -6.48 -16.18 14.68
C SER B 11 -5.45 -16.61 13.61
N ASN B 12 -5.91 -17.36 12.59
CA ASN B 12 -5.07 -17.80 11.48
C ASN B 12 -5.70 -17.38 10.18
N TYR B 13 -4.91 -16.78 9.29
CA TYR B 13 -5.38 -16.06 8.13
C TYR B 13 -4.70 -16.53 6.83
N PHE B 14 -5.40 -16.29 5.74
CA PHE B 14 -5.02 -16.69 4.41
C PHE B 14 -5.68 -15.72 3.47
N GLY B 15 -4.98 -15.27 2.45
CA GLY B 15 -5.59 -14.25 1.54
C GLY B 15 -4.68 -13.86 0.39
N ARG B 16 -5.17 -12.98 -0.45
CA ARG B 16 -4.42 -12.63 -1.65
C ARG B 16 -4.82 -11.32 -2.29
N ASN B 17 -3.86 -10.80 -3.06
CA ASN B 17 -4.08 -9.74 -4.06
C ASN B 17 -4.35 -10.41 -5.37
N LEU B 18 -5.40 -10.02 -6.05
CA LEU B 18 -5.65 -10.48 -7.39
C LEU B 18 -5.19 -9.39 -8.33
N ASP B 19 -4.12 -9.68 -9.08
CA ASP B 19 -3.54 -8.68 -9.96
C ASP B 19 -3.87 -9.04 -11.40
N LEU B 20 -4.56 -8.16 -12.14
CA LEU B 20 -4.94 -8.46 -13.49
C LEU B 20 -4.96 -7.16 -14.24
N ASP B 21 -5.00 -7.26 -15.56
CA ASP B 21 -5.12 -6.03 -16.39
C ASP B 21 -6.53 -5.83 -16.92
N PHE B 22 -7.47 -6.52 -16.33
CA PHE B 22 -8.86 -6.24 -16.59
C PHE B 22 -9.71 -6.72 -15.42
N SER B 23 -10.97 -6.33 -15.44
CA SER B 23 -11.92 -6.93 -14.54
C SER B 23 -13.30 -6.64 -15.10
N TYR B 24 -14.10 -7.66 -15.30
N TYR B 24 -14.18 -7.62 -15.27
CA TYR B 24 -15.56 -7.48 -15.57
CA TYR B 24 -15.65 -7.29 -15.49
C TYR B 24 -16.41 -7.70 -14.28
C TYR B 24 -16.43 -7.26 -14.19
N GLY B 25 -15.76 -7.61 -13.10
CA GLY B 25 -16.39 -7.71 -11.83
C GLY B 25 -16.13 -9.16 -11.40
N GLU B 26 -16.34 -9.37 -10.12
CA GLU B 26 -16.22 -10.60 -9.42
C GLU B 26 -17.14 -10.42 -8.26
N GLU B 27 -17.32 -11.45 -7.51
CA GLU B 27 -18.29 -11.40 -6.41
C GLU B 27 -17.97 -12.41 -5.36
N VAL B 28 -18.51 -12.21 -4.19
CA VAL B 28 -18.47 -13.22 -3.18
C VAL B 28 -19.40 -14.34 -3.65
N ILE B 29 -18.95 -15.58 -3.52
CA ILE B 29 -19.76 -16.72 -3.87
C ILE B 29 -19.67 -17.69 -2.68
N ILE B 30 -20.84 -18.01 -2.10
CA ILE B 30 -20.99 -19.09 -1.16
C ILE B 30 -21.56 -20.32 -1.85
N THR B 31 -20.85 -21.43 -1.76
CA THR B 31 -21.30 -22.70 -2.31
C THR B 31 -21.74 -23.59 -1.14
N PRO B 32 -23.06 -23.80 -1.01
CA PRO B 32 -23.51 -24.60 0.12
C PRO B 32 -23.23 -26.06 -0.07
N ALA B 33 -23.41 -26.79 1.03
CA ALA B 33 -23.03 -28.20 1.11
C ALA B 33 -23.70 -29.13 0.04
N GLU B 34 -24.93 -28.79 -0.32
CA GLU B 34 -25.67 -29.61 -1.28
C GLU B 34 -25.79 -28.97 -2.67
N TYR B 35 -24.97 -27.96 -2.99
CA TYR B 35 -24.84 -27.57 -4.39
C TYR B 35 -24.11 -28.71 -5.10
N GLU B 36 -24.69 -29.27 -6.17
CA GLU B 36 -24.10 -30.40 -6.80
C GLU B 36 -22.92 -29.94 -7.69
N PHE B 37 -21.71 -30.35 -7.32
CA PHE B 37 -20.54 -30.14 -8.15
C PHE B 37 -20.50 -31.18 -9.28
N LYS B 38 -20.53 -30.70 -10.52
CA LYS B 38 -20.40 -31.56 -11.68
C LYS B 38 -19.01 -31.40 -12.26
N PHE B 39 -18.48 -32.47 -12.78
CA PHE B 39 -17.10 -32.52 -13.30
C PHE B 39 -17.16 -33.07 -14.71
N ARG B 40 -16.28 -32.58 -15.58
CA ARG B 40 -16.23 -33.04 -16.95
C ARG B 40 -15.95 -34.54 -17.06
N LYS B 41 -15.10 -35.03 -16.15
CA LYS B 41 -14.60 -36.43 -16.30
C LYS B 41 -14.64 -37.22 -15.03
N GLU B 42 -15.44 -36.79 -14.05
CA GLU B 42 -15.60 -37.52 -12.80
C GLU B 42 -17.07 -37.42 -12.39
N LYS B 43 -17.48 -38.32 -11.49
CA LYS B 43 -18.81 -38.30 -11.01
C LYS B 43 -19.12 -37.08 -10.23
N ALA B 44 -20.41 -36.75 -10.21
CA ALA B 44 -20.89 -35.56 -9.51
C ALA B 44 -20.77 -35.73 -8.03
N ILE B 45 -20.56 -34.64 -7.34
CA ILE B 45 -20.47 -34.64 -5.88
C ILE B 45 -21.62 -33.83 -5.36
N LYS B 46 -22.57 -34.54 -4.76
CA LYS B 46 -23.82 -33.99 -4.26
C LYS B 46 -23.83 -33.49 -2.88
N ASN B 47 -22.93 -33.96 -2.04
CA ASN B 47 -22.84 -33.55 -0.60
C ASN B 47 -21.36 -33.35 -0.27
N HIS B 48 -21.00 -32.16 0.14
CA HIS B 48 -19.60 -31.83 0.33
C HIS B 48 -19.49 -30.73 1.33
N LYS B 49 -18.28 -30.27 1.57
CA LYS B 49 -18.07 -29.16 2.42
C LYS B 49 -18.51 -27.83 1.80
N SER B 50 -19.05 -26.94 2.59
CA SER B 50 -19.43 -25.65 2.04
C SER B 50 -18.19 -24.73 1.87
N LEU B 51 -18.33 -23.77 0.97
CA LEU B 51 -17.25 -22.88 0.57
C LEU B 51 -17.72 -21.46 0.61
N ILE B 52 -16.79 -20.57 0.96
CA ILE B 52 -16.98 -19.17 0.68
C ILE B 52 -15.72 -18.66 -0.03
N GLY B 53 -15.89 -17.88 -1.04
CA GLY B 53 -14.73 -17.34 -1.76
C GLY B 53 -15.09 -16.24 -2.71
N VAL B 54 -14.15 -15.90 -3.57
CA VAL B 54 -14.28 -14.84 -4.55
C VAL B 54 -14.11 -15.43 -5.93
N GLY B 55 -14.99 -15.04 -6.84
CA GLY B 55 -14.88 -15.52 -8.22
C GLY B 55 -15.94 -14.96 -9.13
N ILE B 56 -16.24 -15.68 -10.23
CA ILE B 56 -17.34 -15.32 -11.07
C ILE B 56 -18.22 -16.56 -11.22
N VAL B 57 -19.49 -16.38 -11.55
CA VAL B 57 -20.36 -17.50 -11.80
C VAL B 57 -20.64 -17.49 -13.28
N ALA B 58 -20.53 -18.64 -13.91
CA ALA B 58 -20.87 -18.80 -15.32
C ALA B 58 -21.56 -20.11 -15.48
N ASN B 59 -22.69 -20.10 -16.21
N ASN B 59 -22.66 -20.09 -16.23
CA ASN B 59 -23.55 -21.29 -16.38
CA ASN B 59 -23.55 -21.27 -16.37
C ASN B 59 -23.80 -21.99 -15.02
C ASN B 59 -23.78 -21.99 -15.03
N ASP B 60 -24.06 -21.20 -13.99
CA ASP B 60 -24.40 -21.67 -12.63
C ASP B 60 -23.26 -22.46 -11.98
N TYR B 61 -22.02 -22.17 -12.40
CA TYR B 61 -20.80 -22.84 -11.88
C TYR B 61 -19.93 -21.78 -11.18
N PRO B 62 -19.44 -22.06 -9.99
CA PRO B 62 -18.63 -21.08 -9.29
C PRO B 62 -17.17 -21.19 -9.73
N LEU B 63 -16.67 -20.21 -10.47
CA LEU B 63 -15.30 -20.18 -10.92
C LEU B 63 -14.54 -19.32 -9.92
N TYR B 64 -14.03 -20.00 -8.90
CA TYR B 64 -13.31 -19.36 -7.81
C TYR B 64 -11.87 -18.94 -8.22
N PHE B 65 -11.51 -17.73 -7.86
CA PHE B 65 -10.05 -17.32 -7.80
C PHE B 65 -9.40 -17.79 -6.50
N ASP B 66 -10.18 -17.82 -5.43
CA ASP B 66 -9.76 -18.27 -4.19
C ASP B 66 -10.98 -18.55 -3.34
N ALA B 67 -10.80 -19.38 -2.32
CA ALA B 67 -11.92 -19.79 -1.46
C ALA B 67 -11.40 -20.46 -0.19
N ILE B 68 -12.27 -20.53 0.83
CA ILE B 68 -12.04 -21.42 1.96
C ILE B 68 -13.28 -22.32 2.15
N ASN B 69 -13.12 -23.39 2.92
CA ASN B 69 -14.25 -24.28 3.22
C ASN B 69 -14.61 -24.17 4.67
N GLU B 70 -15.65 -24.88 5.08
CA GLU B 70 -16.17 -24.79 6.44
C GLU B 70 -15.18 -25.30 7.47
N ASP B 71 -14.13 -25.98 7.07
CA ASP B 71 -13.12 -26.47 8.00
C ASP B 71 -11.93 -25.48 8.10
N GLY B 72 -11.94 -24.38 7.37
CA GLY B 72 -10.83 -23.47 7.45
C GLY B 72 -9.66 -23.93 6.59
N LEU B 73 -9.91 -24.70 5.55
CA LEU B 73 -8.91 -24.99 4.53
C LEU B 73 -9.11 -24.01 3.36
N GLY B 74 -8.02 -23.36 2.96
CA GLY B 74 -8.03 -22.37 1.90
C GLY B 74 -7.26 -22.84 0.67
N MET B 75 -7.66 -22.35 -0.52
CA MET B 75 -6.95 -22.55 -1.73
C MET B 75 -7.09 -21.31 -2.65
N ALA B 76 -5.96 -20.94 -3.27
CA ALA B 76 -5.95 -19.82 -4.23
C ALA B 76 -5.23 -20.20 -5.49
N GLY B 77 -5.76 -19.79 -6.64
CA GLY B 77 -5.12 -19.99 -7.94
C GLY B 77 -4.46 -18.68 -8.32
N LEU B 78 -3.16 -18.76 -8.64
CA LEU B 78 -2.32 -17.59 -9.02
C LEU B 78 -1.73 -17.82 -10.39
N ASN B 79 -1.63 -16.75 -11.21
CA ASN B 79 -1.10 -16.93 -12.55
C ASN B 79 0.30 -17.53 -12.54
N PHE B 80 0.52 -18.42 -13.51
CA PHE B 80 1.76 -19.22 -13.62
C PHE B 80 1.96 -19.52 -15.12
N PRO B 81 2.14 -18.50 -15.94
CA PRO B 81 2.01 -18.69 -17.38
C PRO B 81 3.18 -19.46 -17.94
N GLY B 82 2.94 -20.28 -18.94
CA GLY B 82 4.02 -21.07 -19.56
C GLY B 82 4.47 -22.28 -18.80
N ASN B 83 4.70 -22.19 -17.48
CA ASN B 83 5.06 -23.30 -16.67
C ASN B 83 3.94 -24.29 -16.37
N ALA B 84 2.69 -23.82 -16.33
CA ALA B 84 1.61 -24.70 -15.97
C ALA B 84 1.43 -25.67 -17.15
N TYR B 85 1.22 -26.93 -16.86
CA TYR B 85 1.07 -27.93 -17.92
C TYR B 85 -0.21 -28.72 -17.67
N TYR B 86 -1.19 -28.61 -18.57
CA TYR B 86 -2.46 -29.38 -18.46
C TYR B 86 -2.46 -30.48 -19.48
N SER B 87 -2.76 -31.70 -19.09
CA SER B 87 -2.66 -32.83 -20.01
C SER B 87 -3.70 -32.87 -21.08
N ASP B 88 -3.29 -33.19 -22.31
CA ASP B 88 -4.28 -33.39 -23.34
C ASP B 88 -4.99 -34.72 -23.30
N ALA B 89 -4.41 -35.68 -22.63
CA ALA B 89 -5.00 -37.02 -22.48
C ALA B 89 -5.48 -37.28 -21.06
N LEU B 90 -6.57 -38.01 -20.96
CA LEU B 90 -6.96 -38.64 -19.66
C LEU B 90 -5.93 -39.62 -19.20
N GLU B 91 -5.77 -39.73 -17.88
CA GLU B 91 -4.89 -40.76 -17.30
C GLU B 91 -5.74 -41.73 -16.53
N ASN B 92 -5.73 -43.01 -16.93
CA ASN B 92 -6.64 -43.99 -16.29
C ASN B 92 -6.29 -44.31 -14.84
N ASP B 93 -5.09 -43.92 -14.40
CA ASP B 93 -4.63 -44.15 -13.03
C ASP B 93 -4.71 -42.88 -12.16
N LYS B 94 -5.40 -41.86 -12.65
CA LYS B 94 -5.55 -40.61 -11.93
C LYS B 94 -6.98 -40.15 -12.01
N ASP B 95 -7.30 -39.27 -11.09
CA ASP B 95 -8.54 -38.51 -11.20
C ASP B 95 -8.31 -37.40 -12.25
N ASN B 96 -9.20 -37.26 -13.22
CA ASN B 96 -9.00 -36.29 -14.32
C ASN B 96 -9.89 -35.06 -14.08
N ILE B 97 -9.25 -33.95 -13.65
CA ILE B 97 -9.89 -32.76 -13.11
C ILE B 97 -9.37 -31.55 -13.90
N THR B 98 -10.29 -30.71 -14.29
CA THR B 98 -9.93 -29.50 -15.00
C THR B 98 -9.34 -28.52 -13.99
N PRO B 99 -8.60 -27.52 -14.47
CA PRO B 99 -8.12 -26.51 -13.53
C PRO B 99 -9.19 -25.69 -12.88
N PHE B 100 -10.27 -25.42 -13.60
CA PHE B 100 -11.35 -24.66 -13.01
C PHE B 100 -12.21 -25.51 -11.99
N GLU B 101 -12.06 -26.83 -11.99
CA GLU B 101 -12.65 -27.74 -11.04
C GLU B 101 -11.84 -28.01 -9.85
N PHE B 102 -10.59 -27.56 -9.84
CA PHE B 102 -9.61 -27.98 -8.84
C PHE B 102 -9.94 -27.46 -7.47
N ILE B 103 -10.33 -26.19 -7.36
CA ILE B 103 -10.69 -25.64 -6.08
C ILE B 103 -11.89 -26.40 -5.48
N PRO B 104 -12.97 -26.53 -6.21
CA PRO B 104 -14.03 -27.46 -5.72
C PRO B 104 -13.60 -28.86 -5.35
N TRP B 105 -12.77 -29.45 -6.16
CA TRP B 105 -12.38 -30.83 -5.98
C TRP B 105 -11.67 -30.96 -4.61
N ILE B 106 -10.76 -30.03 -4.34
CA ILE B 106 -9.97 -30.09 -3.10
C ILE B 106 -10.83 -29.62 -1.90
N LEU B 107 -11.36 -28.39 -2.00
CA LEU B 107 -11.94 -27.79 -0.84
C LEU B 107 -13.33 -28.47 -0.50
N GLY B 108 -13.99 -29.05 -1.48
CA GLY B 108 -15.25 -29.75 -1.25
C GLY B 108 -15.02 -31.00 -0.42
N GLN B 109 -13.81 -31.59 -0.50
CA GLN B 109 -13.57 -32.93 0.03
C GLN B 109 -12.54 -33.03 1.14
N CYS B 110 -11.73 -31.99 1.34
CA CYS B 110 -10.58 -32.07 2.22
C CYS B 110 -10.71 -31.12 3.38
N SER B 111 -10.34 -31.60 4.59
CA SER B 111 -10.48 -30.76 5.76
C SER B 111 -9.20 -30.05 6.15
N ASP B 112 -8.06 -30.49 5.64
CA ASP B 112 -6.76 -29.94 6.08
C ASP B 112 -5.74 -30.14 5.01
N VAL B 113 -4.56 -29.61 5.23
CA VAL B 113 -3.51 -29.66 4.21
C VAL B 113 -3.09 -31.08 3.87
N ASN B 114 -2.96 -31.97 4.89
CA ASN B 114 -2.51 -33.35 4.57
C ASN B 114 -3.49 -34.07 3.66
N GLU B 115 -4.78 -33.90 3.89
CA GLU B 115 -5.77 -34.48 2.99
C GLU B 115 -5.68 -33.89 1.59
N ALA B 116 -5.54 -32.56 1.52
CA ALA B 116 -5.36 -31.90 0.24
C ALA B 116 -4.17 -32.50 -0.52
N ARG B 117 -3.02 -32.63 0.18
CA ARG B 117 -1.78 -33.18 -0.44
C ARG B 117 -2.10 -34.56 -1.03
N ASN B 118 -2.73 -35.40 -0.22
CA ASN B 118 -3.03 -36.77 -0.67
C ASN B 118 -3.95 -36.81 -1.90
N LEU B 119 -4.90 -35.89 -1.98
CA LEU B 119 -5.78 -35.87 -3.11
C LEU B 119 -5.09 -35.30 -4.32
N VAL B 120 -4.25 -34.31 -4.11
CA VAL B 120 -3.38 -33.84 -5.23
C VAL B 120 -2.44 -34.91 -5.79
N GLU B 121 -1.93 -35.79 -4.94
CA GLU B 121 -1.09 -36.90 -5.39
C GLU B 121 -1.82 -37.90 -6.32
N LYS B 122 -3.15 -37.83 -6.39
CA LYS B 122 -3.99 -38.69 -7.26
C LYS B 122 -4.51 -38.00 -8.49
N ILE B 123 -4.10 -36.75 -8.70
CA ILE B 123 -4.70 -35.94 -9.80
C ILE B 123 -3.97 -35.90 -11.10
N ASN B 124 -4.75 -35.68 -12.17
CA ASN B 124 -4.23 -35.35 -13.46
C ASN B 124 -5.00 -34.13 -13.91
N LEU B 125 -4.35 -32.99 -14.04
CA LEU B 125 -5.02 -31.78 -14.50
C LEU B 125 -5.13 -31.85 -16.02
N ILE B 126 -6.36 -31.70 -16.52
CA ILE B 126 -6.65 -31.85 -17.96
C ILE B 126 -6.95 -30.55 -18.61
N ASN B 127 -6.46 -30.48 -19.84
CA ASN B 127 -6.57 -29.26 -20.68
C ASN B 127 -7.95 -29.09 -21.34
N LEU B 128 -8.97 -28.88 -20.51
CA LEU B 128 -10.29 -28.66 -20.97
C LEU B 128 -10.77 -27.37 -20.40
N SER B 129 -11.10 -26.41 -21.26
N SER B 129 -11.17 -26.45 -21.29
CA SER B 129 -11.60 -25.10 -20.82
CA SER B 129 -11.62 -25.14 -20.86
C SER B 129 -13.06 -25.16 -20.40
C SER B 129 -13.07 -25.17 -20.43
N PHE B 130 -13.43 -24.20 -19.60
CA PHE B 130 -14.80 -24.04 -19.12
C PHE B 130 -15.79 -23.88 -20.27
N SER B 131 -15.44 -23.00 -21.20
CA SER B 131 -16.26 -22.76 -22.37
C SER B 131 -15.32 -22.12 -23.39
N GLU B 132 -15.83 -21.93 -24.59
CA GLU B 132 -15.06 -21.22 -25.61
C GLU B 132 -14.81 -19.76 -25.32
N GLN B 133 -15.68 -19.15 -24.53
CA GLN B 133 -15.52 -17.75 -24.10
C GLN B 133 -14.64 -17.53 -22.81
N LEU B 134 -14.39 -18.61 -22.04
CA LEU B 134 -13.58 -18.51 -20.85
C LEU B 134 -12.39 -19.50 -20.97
N PRO B 135 -11.34 -19.13 -21.68
CA PRO B 135 -10.21 -20.08 -21.84
C PRO B 135 -9.40 -20.32 -20.57
N LEU B 136 -8.66 -21.40 -20.54
CA LEU B 136 -7.82 -21.73 -19.40
C LEU B 136 -6.62 -20.78 -19.32
N ALA B 137 -6.25 -20.38 -18.13
CA ALA B 137 -4.97 -19.70 -17.88
C ALA B 137 -4.05 -20.70 -17.18
N GLY B 138 -2.73 -20.56 -17.37
CA GLY B 138 -1.78 -21.29 -16.57
C GLY B 138 -1.84 -20.76 -15.13
N LEU B 139 -1.99 -21.68 -14.20
CA LEU B 139 -2.03 -21.36 -12.78
C LEU B 139 -1.18 -22.26 -11.95
N HIS B 140 -0.85 -21.78 -10.73
CA HIS B 140 -0.36 -22.64 -9.63
C HIS B 140 -1.11 -22.23 -8.37
N TRP B 141 -1.03 -23.04 -7.33
CA TRP B 141 -1.94 -22.90 -6.19
C TRP B 141 -1.20 -22.87 -4.89
N LEU B 142 -1.74 -22.05 -3.97
CA LEU B 142 -1.43 -22.17 -2.56
C LEU B 142 -2.63 -22.78 -1.87
N ILE B 143 -2.33 -23.79 -1.05
CA ILE B 143 -3.34 -24.45 -0.21
C ILE B 143 -2.89 -24.26 1.26
N ALA B 144 -3.77 -23.75 2.13
CA ALA B 144 -3.40 -23.45 3.48
C ALA B 144 -4.46 -23.79 4.48
N ASP B 145 -4.03 -24.24 5.64
CA ASP B 145 -4.96 -24.41 6.76
C ASP B 145 -4.38 -23.56 7.89
N ARG B 146 -4.93 -23.69 9.09
CA ARG B 146 -4.51 -22.86 10.21
C ARG B 146 -3.12 -23.19 10.66
N GLU B 147 -2.60 -24.35 10.28
CA GLU B 147 -1.28 -24.80 10.69
C GLU B 147 -0.19 -24.54 9.65
N LYS B 148 -0.43 -24.83 8.36
CA LYS B 148 0.65 -24.82 7.39
C LYS B 148 0.11 -24.64 5.99
N SER B 149 0.99 -24.52 5.02
CA SER B 149 0.58 -24.40 3.61
C SER B 149 1.50 -25.18 2.69
N ILE B 150 0.97 -25.47 1.52
CA ILE B 150 1.68 -26.12 0.48
C ILE B 150 1.44 -25.39 -0.81
N VAL B 151 2.34 -25.62 -1.74
CA VAL B 151 2.30 -25.07 -3.05
C VAL B 151 2.14 -26.23 -4.02
N VAL B 152 1.24 -26.07 -4.97
CA VAL B 152 1.04 -27.05 -6.03
C VAL B 152 1.41 -26.46 -7.33
N GLU B 153 2.41 -27.06 -8.01
CA GLU B 153 2.81 -26.63 -9.34
C GLU B 153 2.85 -27.86 -10.26
N VAL B 154 1.93 -27.88 -11.21
CA VAL B 154 1.82 -28.93 -12.19
C VAL B 154 2.49 -28.43 -13.45
N THR B 155 3.61 -29.01 -13.77
CA THR B 155 4.42 -28.59 -14.92
C THR B 155 4.68 -29.76 -15.82
N LYS B 156 5.41 -29.53 -16.91
CA LYS B 156 5.77 -30.67 -17.81
C LYS B 156 6.51 -31.81 -17.08
N SER B 157 7.21 -31.55 -15.99
CA SER B 157 7.90 -32.62 -15.27
C SER B 157 7.12 -33.32 -14.19
N GLY B 158 5.87 -32.96 -13.94
CA GLY B 158 5.11 -33.67 -12.92
C GLY B 158 4.19 -32.77 -12.10
N VAL B 159 3.49 -33.43 -11.20
CA VAL B 159 2.67 -32.74 -10.21
C VAL B 159 3.62 -32.49 -9.02
N HIS B 160 4.00 -31.23 -8.77
CA HIS B 160 4.95 -30.99 -7.69
C HIS B 160 4.20 -30.37 -6.53
N ILE B 161 4.45 -30.87 -5.32
CA ILE B 161 3.87 -30.33 -4.11
C ILE B 161 5.04 -29.93 -3.17
N TYR B 162 5.06 -28.68 -2.76
CA TYR B 162 6.08 -28.15 -1.88
C TYR B 162 5.48 -27.73 -0.57
N ASP B 163 6.12 -28.08 0.52
CA ASP B 163 5.86 -27.44 1.79
C ASP B 163 6.27 -25.97 1.70
N ASN B 164 5.44 -25.06 2.20
CA ASN B 164 5.72 -23.61 2.08
C ASN B 164 6.13 -23.07 3.42
N PRO B 165 7.42 -22.91 3.64
CA PRO B 165 7.87 -22.61 5.01
C PRO B 165 7.57 -21.17 5.43
N ILE B 166 7.17 -20.32 4.50
CA ILE B 166 6.97 -18.90 4.80
C ILE B 166 5.57 -18.40 4.50
N GLY B 167 4.71 -19.21 3.89
CA GLY B 167 3.38 -18.78 3.59
C GLY B 167 3.26 -17.62 2.57
N ILE B 168 4.06 -17.69 1.51
CA ILE B 168 4.09 -16.64 0.47
C ILE B 168 4.09 -17.31 -0.89
N LEU B 169 3.30 -16.77 -1.83
CA LEU B 169 3.36 -17.24 -3.22
C LEU B 169 3.04 -16.07 -4.14
N THR B 170 3.74 -16.00 -5.31
CA THR B 170 3.40 -15.05 -6.32
C THR B 170 3.20 -15.78 -7.62
N ASN B 171 3.96 -15.44 -8.66
CA ASN B 171 3.79 -15.99 -9.99
C ASN B 171 5.06 -16.77 -10.35
N ASN B 172 5.54 -16.70 -11.59
CA ASN B 172 6.84 -17.31 -11.97
C ASN B 172 7.96 -16.57 -11.30
N PRO B 173 9.10 -17.23 -11.06
CA PRO B 173 9.37 -18.62 -11.47
C PRO B 173 8.86 -19.64 -10.49
N GLU B 174 9.15 -20.90 -10.83
CA GLU B 174 8.79 -22.03 -9.98
C GLU B 174 9.26 -21.88 -8.55
N PHE B 175 8.59 -22.61 -7.64
CA PHE B 175 8.68 -22.31 -6.22
C PHE B 175 10.11 -22.47 -5.65
N ASN B 176 10.87 -23.49 -6.08
CA ASN B 176 12.23 -23.61 -5.56
C ASN B 176 13.11 -22.43 -5.97
N TYR B 177 12.84 -21.87 -7.12
CA TYR B 177 13.56 -20.68 -7.60
C TYR B 177 13.23 -19.47 -6.74
N GLN B 178 11.94 -19.30 -6.42
CA GLN B 178 11.49 -18.18 -5.55
C GLN B 178 12.18 -18.27 -4.21
N MET B 179 12.20 -19.47 -3.63
CA MET B 179 12.76 -19.65 -2.28
C MET B 179 14.29 -19.43 -2.35
N TYR B 180 14.93 -19.99 -3.37
CA TYR B 180 16.38 -19.80 -3.51
C TYR B 180 16.72 -18.31 -3.63
N ASN B 181 15.92 -17.56 -4.41
CA ASN B 181 16.15 -16.16 -4.60
C ASN B 181 16.24 -15.35 -3.33
N LEU B 182 15.53 -15.79 -2.26
CA LEU B 182 15.57 -15.05 -1.00
C LEU B 182 17.00 -14.99 -0.41
N ASN B 183 17.83 -15.99 -0.73
CA ASN B 183 19.09 -16.15 -0.03
C ASN B 183 20.04 -14.95 -0.18
N LYS B 184 20.01 -14.32 -1.32
CA LYS B 184 20.84 -13.16 -1.54
C LYS B 184 20.44 -11.90 -0.77
N TYR B 185 19.29 -11.93 -0.09
CA TYR B 185 18.84 -10.77 0.72
C TYR B 185 19.07 -10.98 2.20
N ARG B 186 19.92 -11.97 2.60
CA ARG B 186 20.10 -12.22 4.02
C ARG B 186 20.53 -11.04 4.86
N ASN B 187 21.22 -10.10 4.23
N ASN B 187 21.24 -10.08 4.27
CA ASN B 187 21.80 -8.93 4.90
CA ASN B 187 21.72 -8.94 5.08
C ASN B 187 20.81 -7.80 5.14
C ASN B 187 20.77 -7.81 5.23
N LEU B 188 19.59 -7.87 4.60
CA LEU B 188 18.59 -6.86 4.88
C LEU B 188 18.27 -6.89 6.36
N SER B 189 17.85 -5.76 6.87
CA SER B 189 17.55 -5.62 8.28
C SER B 189 16.42 -4.66 8.51
N ILE B 190 15.73 -4.85 9.64
CA ILE B 190 14.72 -3.89 10.05
C ILE B 190 15.32 -2.67 10.78
N SER B 191 16.59 -2.75 11.18
CA SER B 191 17.28 -1.73 11.95
C SER B 191 18.48 -1.14 11.17
N THR B 192 18.90 0.03 11.57
CA THR B 192 20.08 0.67 10.97
C THR B 192 21.27 -0.24 11.12
N PRO B 193 21.94 -0.57 10.05
CA PRO B 193 23.09 -1.44 10.26
C PRO B 193 24.32 -0.71 10.71
N GLN B 194 25.29 -1.48 11.18
CA GLN B 194 26.60 -0.91 11.45
C GLN B 194 27.32 -0.61 10.12
N ASN B 195 28.34 0.23 10.19
CA ASN B 195 29.21 0.42 9.00
C ASN B 195 30.17 -0.71 8.93
N THR B 196 29.86 -1.69 8.13
CA THR B 196 30.76 -2.78 7.84
C THR B 196 31.48 -2.56 6.50
N PHE B 197 31.11 -1.51 5.77
CA PHE B 197 31.76 -1.15 4.48
C PHE B 197 33.26 -0.91 4.68
N SER B 198 33.57 -0.04 5.63
CA SER B 198 34.94 0.13 6.09
C SER B 198 34.96 1.12 7.25
N ASP B 199 35.75 0.79 8.26
CA ASP B 199 36.01 1.71 9.39
C ASP B 199 36.87 2.89 9.01
N SER B 200 37.46 2.89 7.82
CA SER B 200 38.28 4.00 7.39
C SER B 200 37.54 5.15 6.79
N VAL B 201 36.22 5.06 6.67
CA VAL B 201 35.44 6.17 6.14
C VAL B 201 34.26 6.30 7.10
N ASP B 202 33.95 7.56 7.43
CA ASP B 202 32.90 7.89 8.38
C ASP B 202 31.56 8.01 7.66
N LEU B 203 30.93 6.89 7.44
CA LEU B 203 29.64 6.91 6.74
C LEU B 203 28.56 7.36 7.73
N LYS B 204 27.65 8.20 7.28
CA LYS B 204 26.67 8.83 8.16
C LYS B 204 25.26 8.36 7.79
N VAL B 205 24.36 8.29 8.79
CA VAL B 205 22.98 7.85 8.60
C VAL B 205 22.15 9.04 8.87
N ASP B 206 21.41 9.51 7.88
CA ASP B 206 20.56 10.73 8.00
C ASP B 206 19.05 10.49 7.99
N GLY B 207 18.66 9.22 8.11
CA GLY B 207 17.27 8.86 8.17
C GLY B 207 17.10 7.44 8.74
N THR B 208 15.85 7.04 8.97
CA THR B 208 15.53 5.65 9.42
C THR B 208 15.32 4.78 8.17
N GLY B 209 15.29 3.49 8.37
CA GLY B 209 14.98 2.57 7.25
C GLY B 209 16.20 2.12 6.44
N PHE B 210 17.44 2.49 6.83
CA PHE B 210 18.62 2.15 6.03
C PHE B 210 18.86 0.61 5.95
N GLY B 211 18.39 -0.10 6.96
CA GLY B 211 18.47 -1.58 7.02
C GLY B 211 17.86 -2.28 5.81
N GLY B 212 16.78 -1.72 5.26
CA GLY B 212 16.15 -2.38 4.12
C GLY B 212 16.74 -2.15 2.76
N ILE B 213 17.75 -1.25 2.64
CA ILE B 213 18.28 -0.89 1.36
C ILE B 213 18.81 -2.14 0.67
N GLY B 214 18.36 -2.36 -0.55
CA GLY B 214 18.58 -3.64 -1.25
C GLY B 214 17.24 -4.33 -1.52
N LEU B 215 16.21 -4.08 -0.73
CA LEU B 215 14.90 -4.64 -0.99
C LEU B 215 14.31 -4.14 -2.31
N PRO B 216 13.84 -5.06 -3.14
CA PRO B 216 13.28 -4.61 -4.43
C PRO B 216 11.88 -4.04 -4.28
N GLY B 217 11.63 -3.00 -5.08
CA GLY B 217 10.41 -2.21 -5.00
C GLY B 217 9.50 -2.32 -6.19
N ASP B 218 9.89 -3.03 -7.22
CA ASP B 218 9.11 -3.11 -8.40
C ASP B 218 7.99 -4.17 -8.23
N VAL B 219 7.15 -4.32 -9.26
CA VAL B 219 6.01 -5.22 -9.23
C VAL B 219 6.20 -6.46 -10.09
N SER B 220 7.46 -6.81 -10.43
CA SER B 220 7.71 -8.15 -10.98
C SER B 220 7.35 -9.20 -9.97
N PRO B 221 7.03 -10.43 -10.41
CA PRO B 221 6.62 -11.42 -9.41
C PRO B 221 7.73 -11.78 -8.45
N GLU B 222 8.96 -11.88 -8.93
CA GLU B 222 10.07 -12.21 -7.97
C GLU B 222 10.27 -11.11 -6.93
N SER B 223 10.24 -9.85 -7.37
CA SER B 223 10.41 -8.74 -6.42
C SER B 223 9.28 -8.75 -5.41
N ARG B 224 8.05 -8.94 -5.90
CA ARG B 224 6.92 -9.00 -4.97
C ARG B 224 7.09 -10.16 -3.95
N PHE B 225 7.57 -11.29 -4.44
CA PHE B 225 7.82 -12.43 -3.56
C PHE B 225 8.80 -12.04 -2.44
N VAL B 226 9.92 -11.39 -2.80
CA VAL B 226 10.87 -10.95 -1.80
C VAL B 226 10.29 -9.92 -0.82
N ARG B 227 9.59 -8.95 -1.36
CA ARG B 227 9.07 -7.83 -0.58
C ARG B 227 7.91 -8.28 0.32
N ALA B 228 7.08 -9.17 -0.18
CA ALA B 228 5.98 -9.70 0.66
C ALA B 228 6.55 -10.54 1.76
N THR B 229 7.59 -11.30 1.46
CA THR B 229 8.20 -12.14 2.47
C THR B 229 8.80 -11.29 3.62
N PHE B 230 9.64 -10.32 3.27
CA PHE B 230 10.26 -9.46 4.26
C PHE B 230 9.19 -8.75 5.09
N SER B 231 8.14 -8.24 4.43
CA SER B 231 7.11 -7.46 5.12
C SER B 231 6.34 -8.37 6.07
N LYS B 232 5.94 -9.56 5.58
CA LYS B 232 5.13 -10.49 6.40
C LYS B 232 5.92 -11.01 7.60
N LEU B 233 7.15 -11.47 7.37
CA LEU B 233 7.88 -12.12 8.42
C LEU B 233 8.28 -11.14 9.50
N ASN B 234 8.47 -9.89 9.14
CA ASN B 234 8.83 -8.90 10.11
C ASN B 234 7.65 -8.11 10.69
N SER B 235 6.44 -8.35 10.21
CA SER B 235 5.33 -7.53 10.62
C SER B 235 5.13 -7.66 12.15
N SER B 236 4.90 -6.55 12.81
CA SER B 236 4.59 -6.58 14.25
C SER B 236 3.30 -7.42 14.55
N LYS B 237 3.30 -8.07 15.70
CA LYS B 237 2.14 -8.83 16.13
C LYS B 237 1.05 -7.90 16.57
N GLY B 238 -0.19 -8.30 16.37
CA GLY B 238 -1.33 -7.52 16.85
C GLY B 238 -1.84 -8.13 18.15
N MET B 239 -2.59 -7.34 18.90
CA MET B 239 -3.13 -7.82 20.17
C MET B 239 -4.53 -8.34 20.01
N THR B 240 -5.22 -8.02 18.92
CA THR B 240 -6.55 -8.56 18.71
C THR B 240 -6.67 -9.11 17.30
N VAL B 241 -7.75 -9.84 17.06
CA VAL B 241 -8.05 -10.25 15.68
C VAL B 241 -8.22 -9.02 14.74
N GLU B 242 -8.87 -7.95 15.20
CA GLU B 242 -9.03 -6.78 14.31
C GLU B 242 -7.67 -6.23 13.91
N GLU B 243 -6.75 -6.14 14.86
CA GLU B 243 -5.42 -5.61 14.58
C GLU B 243 -4.67 -6.52 13.62
N ASP B 244 -4.86 -7.83 13.75
CA ASP B 244 -4.30 -8.77 12.76
C ASP B 244 -4.83 -8.51 11.33
N ILE B 245 -6.15 -8.37 11.17
CA ILE B 245 -6.73 -8.12 9.84
C ILE B 245 -6.22 -6.84 9.26
N THR B 246 -6.16 -5.82 10.11
CA THR B 246 -5.59 -4.54 9.68
C THR B 246 -4.14 -4.69 9.19
N GLN B 247 -3.32 -5.42 9.93
CA GLN B 247 -1.94 -5.71 9.59
C GLN B 247 -1.84 -6.51 8.26
N PHE B 248 -2.74 -7.45 8.08
CA PHE B 248 -2.78 -8.30 6.88
C PHE B 248 -2.98 -7.44 5.67
N PHE B 249 -3.96 -6.52 5.72
CA PHE B 249 -4.15 -5.61 4.57
C PHE B 249 -2.94 -4.70 4.32
N HIS B 250 -2.29 -4.26 5.39
CA HIS B 250 -1.03 -3.49 5.23
C HIS B 250 0.06 -4.34 4.53
N ILE B 251 0.16 -5.61 4.91
CA ILE B 251 1.15 -6.49 4.27
C ILE B 251 0.88 -6.62 2.77
N LEU B 252 -0.37 -6.96 2.42
CA LEU B 252 -0.74 -7.09 1.01
C LEU B 252 -0.50 -5.75 0.29
N GLY B 253 -0.73 -4.63 1.01
CA GLY B 253 -0.46 -3.28 0.48
C GLY B 253 0.99 -3.05 0.03
N THR B 254 1.96 -3.70 0.65
CA THR B 254 3.37 -3.51 0.30
C THR B 254 3.70 -4.00 -1.10
N VAL B 255 2.86 -4.88 -1.63
CA VAL B 255 3.04 -5.48 -2.95
C VAL B 255 1.87 -5.25 -3.90
N GLU B 256 1.04 -4.26 -3.55
CA GLU B 256 -0.12 -3.81 -4.39
C GLU B 256 0.44 -3.28 -5.72
N GLN B 257 -0.32 -3.47 -6.80
CA GLN B 257 0.01 -2.87 -8.11
C GLN B 257 -0.94 -1.76 -8.38
N ILE B 258 -0.44 -0.54 -8.46
CA ILE B 258 -1.29 0.59 -8.80
C ILE B 258 -1.40 0.76 -10.31
N LYS B 259 -2.51 1.31 -10.76
CA LYS B 259 -2.69 1.51 -12.18
C LYS B 259 -1.68 2.49 -12.73
N GLY B 260 -0.92 2.02 -13.71
CA GLY B 260 0.02 2.87 -14.39
C GLY B 260 1.46 2.45 -14.37
N VAL B 261 1.82 1.64 -13.42
CA VAL B 261 3.21 1.27 -13.27
C VAL B 261 3.63 -0.07 -13.97
N ASN B 262 2.65 -0.83 -14.43
CA ASN B 262 2.89 -2.14 -15.03
C ASN B 262 1.98 -2.34 -16.25
N LYS B 263 2.52 -2.00 -17.39
CA LYS B 263 1.76 -2.06 -18.69
C LYS B 263 2.04 -3.43 -19.31
N THR B 264 1.03 -4.22 -19.60
CA THR B 264 1.20 -5.59 -19.98
C THR B 264 1.29 -5.68 -21.49
N GLU B 265 1.42 -6.93 -21.96
CA GLU B 265 1.61 -7.09 -23.44
C GLU B 265 0.37 -6.69 -24.25
N SER B 266 -0.80 -6.72 -23.60
CA SER B 266 -2.07 -6.25 -24.17
C SER B 266 -2.22 -4.74 -24.23
N GLY B 267 -1.25 -3.95 -23.74
CA GLY B 267 -1.38 -2.53 -23.66
C GLY B 267 -2.17 -1.99 -22.47
N LYS B 268 -2.66 -2.90 -21.62
CA LYS B 268 -3.42 -2.47 -20.47
C LYS B 268 -2.59 -2.46 -19.18
N GLU B 269 -3.11 -1.81 -18.14
CA GLU B 269 -2.41 -1.67 -16.93
C GLU B 269 -2.79 -2.79 -15.97
N GLU B 270 -1.79 -3.50 -15.45
CA GLU B 270 -1.98 -4.53 -14.40
C GLU B 270 -2.14 -3.80 -13.09
N TYR B 271 -3.14 -4.21 -12.29
CA TYR B 271 -3.41 -3.59 -11.03
C TYR B 271 -4.05 -4.57 -10.07
N THR B 272 -3.97 -4.26 -8.80
CA THR B 272 -4.58 -5.09 -7.76
C THR B 272 -6.11 -4.83 -7.73
N VAL B 273 -6.83 -5.73 -8.36
CA VAL B 273 -8.32 -5.67 -8.53
C VAL B 273 -8.98 -5.76 -7.21
N TYR B 274 -8.54 -6.67 -6.39
CA TYR B 274 -8.97 -6.78 -5.02
C TYR B 274 -7.91 -7.42 -4.16
N SER B 275 -8.09 -7.23 -2.86
CA SER B 275 -7.30 -7.82 -1.79
C SER B 275 -8.22 -8.52 -0.82
N ASN B 276 -7.81 -9.67 -0.28
CA ASN B 276 -8.64 -10.26 0.73
C ASN B 276 -7.88 -10.95 1.83
N CYS B 277 -8.60 -11.19 2.91
CA CYS B 277 -8.07 -11.84 4.12
C CYS B 277 -9.19 -12.73 4.65
N TYR B 278 -8.96 -14.06 4.65
CA TYR B 278 -9.86 -14.98 5.31
C TYR B 278 -9.38 -15.27 6.72
N ASP B 279 -10.27 -15.10 7.73
CA ASP B 279 -10.01 -15.64 9.02
C ASP B 279 -10.44 -17.11 8.92
N LEU B 280 -9.47 -18.02 8.99
CA LEU B 280 -9.72 -19.44 8.78
C LEU B 280 -10.48 -20.03 10.00
N ASP B 281 -10.15 -19.57 11.20
CA ASP B 281 -10.78 -20.08 12.42
C ASP B 281 -12.25 -19.70 12.55
N ASN B 282 -12.67 -18.50 12.16
CA ASN B 282 -14.10 -18.23 12.20
C ASN B 282 -14.79 -18.14 10.79
N LYS B 283 -14.10 -18.56 9.77
CA LYS B 283 -14.62 -18.66 8.45
C LYS B 283 -15.23 -17.37 7.96
N THR B 284 -14.48 -16.27 8.07
CA THR B 284 -14.97 -15.01 7.56
C THR B 284 -14.08 -14.47 6.47
N LEU B 285 -14.68 -13.92 5.45
CA LEU B 285 -13.97 -13.31 4.29
C LEU B 285 -14.02 -11.78 4.47
N TYR B 286 -12.83 -11.12 4.45
CA TYR B 286 -12.76 -9.64 4.46
C TYR B 286 -12.13 -9.22 3.14
N TYR B 287 -12.67 -8.23 2.49
CA TYR B 287 -12.04 -7.82 1.25
C TYR B 287 -12.07 -6.32 1.01
N THR B 288 -11.14 -5.87 0.18
CA THR B 288 -11.15 -4.53 -0.39
C THR B 288 -11.01 -4.63 -1.89
N THR B 289 -11.30 -3.53 -2.60
CA THR B 289 -11.19 -3.51 -4.05
C THR B 289 -10.33 -2.31 -4.44
N TYR B 290 -9.88 -2.29 -5.69
CA TYR B 290 -9.12 -1.15 -6.10
C TYR B 290 -9.89 0.15 -5.90
N GLU B 291 -11.19 0.09 -6.12
CA GLU B 291 -12.03 1.31 -6.12
C GLU B 291 -12.55 1.66 -4.76
N ASN B 292 -12.49 0.75 -3.81
CA ASN B 292 -13.12 0.95 -2.49
C ASN B 292 -12.23 0.46 -1.37
N ARG B 293 -11.72 1.39 -0.60
CA ARG B 293 -10.80 1.07 0.50
C ARG B 293 -11.45 0.42 1.67
N GLN B 294 -12.77 0.63 1.89
CA GLN B 294 -13.39 0.15 3.09
C GLN B 294 -13.46 -1.37 3.03
N ILE B 295 -13.06 -2.01 4.08
CA ILE B 295 -13.15 -3.49 4.19
C ILE B 295 -14.62 -3.93 4.26
N VAL B 296 -14.95 -4.96 3.49
CA VAL B 296 -16.24 -5.64 3.52
C VAL B 296 -16.07 -7.05 4.10
N ALA B 297 -16.97 -7.49 4.99
CA ALA B 297 -16.85 -8.76 5.69
C ALA B 297 -18.11 -9.61 5.40
N VAL B 298 -17.90 -10.88 5.12
CA VAL B 298 -19.01 -11.87 4.96
C VAL B 298 -18.60 -13.20 5.57
N THR B 299 -19.47 -13.80 6.39
CA THR B 299 -19.14 -15.03 7.07
C THR B 299 -19.85 -16.17 6.38
N LEU B 300 -19.27 -17.35 6.44
CA LEU B 300 -19.89 -18.52 5.85
C LEU B 300 -20.99 -19.11 6.83
N GLY B 306 -28.28 -26.12 1.70
CA GLY B 306 -28.93 -25.49 0.58
C GLY B 306 -28.30 -26.09 -0.68
N ASN B 307 -28.91 -25.90 -1.85
CA ASN B 307 -28.30 -26.38 -3.11
C ASN B 307 -28.07 -25.33 -4.25
N ARG B 308 -28.22 -24.05 -3.94
CA ARG B 308 -27.96 -22.97 -4.87
C ARG B 308 -26.83 -22.05 -4.38
N LEU B 309 -26.09 -21.52 -5.31
CA LEU B 309 -25.04 -20.54 -4.97
C LEU B 309 -25.65 -19.30 -4.39
N VAL B 310 -24.97 -18.68 -3.46
CA VAL B 310 -25.41 -17.38 -2.92
C VAL B 310 -24.31 -16.40 -3.26
N THR B 311 -24.63 -15.24 -3.82
CA THR B 311 -23.61 -14.34 -4.31
C THR B 311 -23.82 -12.95 -3.82
N TYR B 312 -22.75 -12.16 -3.76
N TYR B 312 -22.73 -12.21 -3.68
CA TYR B 312 -22.85 -10.74 -3.44
CA TYR B 312 -22.74 -10.80 -3.28
C TYR B 312 -21.80 -10.01 -4.24
C TYR B 312 -21.76 -10.05 -4.26
N PRO B 313 -22.27 -9.19 -5.18
CA PRO B 313 -21.37 -8.47 -6.07
C PRO B 313 -20.52 -7.42 -5.40
N PHE B 314 -19.28 -7.32 -5.83
CA PHE B 314 -18.32 -6.35 -5.26
C PHE B 314 -18.77 -4.94 -5.73
N GLU B 315 -18.90 -4.03 -4.79
CA GLU B 315 -19.05 -2.61 -5.00
C GLU B 315 -17.68 -2.02 -5.41
N ARG B 316 -17.81 -1.25 -6.48
CA ARG B 316 -16.69 -0.58 -7.11
C ARG B 316 -16.85 0.94 -7.04
N LYS B 317 -17.30 1.42 -5.90
CA LYS B 317 -17.37 2.85 -5.56
C LYS B 317 -16.64 3.07 -4.24
N GLN B 318 -15.93 4.17 -4.10
CA GLN B 318 -15.24 4.51 -2.89
C GLN B 318 -16.22 4.93 -1.81
N ILE B 319 -16.34 4.18 -0.73
CA ILE B 319 -17.32 4.52 0.30
C ILE B 319 -16.67 5.33 1.35
N ILE B 320 -16.98 6.62 1.35
CA ILE B 320 -16.27 7.65 2.16
C ILE B 320 -17.17 8.03 3.34
N ASN B 321 -16.63 8.10 4.53
CA ASN B 321 -17.34 8.64 5.71
C ASN B 321 -17.26 10.19 5.66
N LYS B 322 -18.34 10.81 5.24
CA LYS B 322 -18.41 12.30 5.14
C LYS B 322 -18.83 12.93 6.47
N LEU B 323 -17.95 13.68 7.13
CA LEU B 323 -18.31 14.51 8.31
C LEU B 323 -18.79 15.89 7.85
P PO4 C . 17.82 19.41 14.01
O1 PO4 C . 17.50 17.87 14.06
O2 PO4 C . 16.56 20.30 14.13
O3 PO4 C . 18.48 19.78 12.70
O4 PO4 C . 18.71 19.86 15.17
P PO4 D . 23.81 22.94 4.32
O1 PO4 D . 23.44 21.62 5.05
O2 PO4 D . 25.14 22.87 3.57
O3 PO4 D . 24.02 24.01 5.41
O4 PO4 D . 22.61 23.32 3.38
P PO4 E . 0.25 -22.39 -19.80
O1 PO4 E . 0.40 -23.04 -21.19
O2 PO4 E . 0.28 -20.85 -19.97
O3 PO4 E . 1.38 -22.88 -18.92
O4 PO4 E . -1.01 -22.91 -19.10
P PO4 F . 9.45 -28.17 -15.22
O1 PO4 F . 8.68 -28.93 -16.32
O2 PO4 F . 9.38 -26.67 -15.56
O3 PO4 F . 10.85 -28.71 -15.29
O4 PO4 F . 8.90 -28.33 -13.75
#